data_4MSK
#
_entry.id   4MSK
#
_cell.length_a   158.226
_cell.length_b   79.781
_cell.length_c   85.536
_cell.angle_alpha   90
_cell.angle_beta   90
_cell.angle_gamma   90
#
_symmetry.space_group_name_H-M   'P 21 21 2'
#
loop_
_entity.id
_entity.type
_entity.pdbx_description
1 polymer Tankyrase-1
2 non-polymer 'ZINC ION'
3 non-polymer 3-(4-oxo-3,4-dihydroquinazolin-2-yl)-N-[4-(5-phenyl-1,3,4-oxadiazol-2-yl)phenyl]propanamide
4 water water
#
_entity_poly.entity_id   1
_entity_poly.type   'polypeptide(L)'
_entity_poly.pdbx_seq_one_letter_code
;QGTILLDLAPEDKEYQSVEEEMQSTIREHRDGGNAGGIFNRYNVIRIQKVVNKKLRERFCHRQKEVSEENHNHHNERMLF
HGSPFINAIIHKGFDERHAYIGGMFGAGIYFAENSSKSNQYVYGIGGGTGCPTHKDRSCYICHRQMLFCRVTLGKSFLQF
STMKMAHAPPGHHSVIGRPSVNGLAYAEYVIYRGEQAYPEYLITYQIMKPEHHHHHH
;
_entity_poly.pdbx_strand_id   A,B,C,D
#
loop_
_chem_comp.id
_chem_comp.type
_chem_comp.name
_chem_comp.formula
2C8 non-polymer 3-(4-oxo-3,4-dihydroquinazolin-2-yl)-N-[4-(5-phenyl-1,3,4-oxadiazol-2-yl)phenyl]propanamide 'C25 H19 N5 O3'
ZN non-polymer 'ZINC ION' 'Zn 2'
#
# COMPACT_ATOMS: atom_id res chain seq x y z
N GLN A 1 -22.31 -25.54 3.37
CA GLN A 1 -21.31 -24.63 4.01
C GLN A 1 -19.96 -25.32 4.24
N GLY A 2 -19.04 -24.58 4.83
CA GLY A 2 -17.73 -25.13 5.12
C GLY A 2 -17.44 -25.06 6.62
N THR A 3 -16.30 -24.47 6.95
CA THR A 3 -15.91 -24.34 8.35
C THR A 3 -16.38 -23.04 8.93
N ILE A 4 -16.93 -23.10 10.14
CA ILE A 4 -17.38 -21.92 10.83
C ILE A 4 -16.46 -21.79 12.02
N LEU A 5 -15.99 -20.58 12.27
CA LEU A 5 -15.11 -20.33 13.40
C LEU A 5 -15.92 -19.57 14.44
N LEU A 6 -16.12 -20.17 15.62
CA LEU A 6 -16.89 -19.55 16.68
C LEU A 6 -15.98 -18.92 17.74
N ASP A 7 -16.09 -17.60 17.89
CA ASP A 7 -15.28 -16.90 18.87
C ASP A 7 -15.70 -17.23 20.27
N LEU A 8 -14.73 -17.64 21.08
CA LEU A 8 -14.99 -17.96 22.46
C LEU A 8 -14.65 -16.73 23.25
N ALA A 9 -15.60 -16.25 24.05
CA ALA A 9 -15.38 -15.08 24.86
C ALA A 9 -14.36 -15.38 25.94
N PRO A 10 -13.42 -14.47 26.18
CA PRO A 10 -12.42 -14.74 27.22
C PRO A 10 -13.00 -14.94 28.63
N GLU A 11 -14.24 -14.52 28.87
CA GLU A 11 -14.81 -14.71 30.21
C GLU A 11 -15.50 -16.06 30.36
N ASP A 12 -15.46 -16.84 29.30
CA ASP A 12 -16.04 -18.18 29.21
C ASP A 12 -15.09 -19.24 29.78
N LYS A 13 -15.66 -20.21 30.47
CA LYS A 13 -14.87 -21.28 31.06
C LYS A 13 -14.16 -22.07 29.96
N GLU A 14 -14.84 -22.30 28.85
CA GLU A 14 -14.24 -23.05 27.75
C GLU A 14 -12.98 -22.34 27.28
N TYR A 15 -13.08 -21.05 26.97
CA TYR A 15 -11.92 -20.28 26.54
C TYR A 15 -10.87 -20.36 27.64
N GLN A 16 -11.30 -20.05 28.85
CA GLN A 16 -10.41 -20.07 30.00
C GLN A 16 -9.70 -21.39 30.21
N SER A 17 -10.41 -22.48 29.96
CA SER A 17 -9.84 -23.80 30.12
C SER A 17 -8.75 -24.04 29.08
N VAL A 18 -9.04 -23.72 27.82
CA VAL A 18 -8.05 -23.93 26.77
C VAL A 18 -6.78 -23.15 27.09
N GLU A 19 -6.92 -21.85 27.30
CA GLU A 19 -5.78 -21.01 27.62
C GLU A 19 -4.92 -21.54 28.76
N GLU A 20 -5.54 -21.92 29.87
CA GLU A 20 -4.77 -22.42 31.01
C GLU A 20 -4.01 -23.69 30.63
N GLU A 21 -4.61 -24.49 29.78
CA GLU A 21 -3.98 -25.71 29.32
C GLU A 21 -2.76 -25.30 28.49
N MET A 22 -2.94 -24.27 27.66
CA MET A 22 -1.86 -23.78 26.81
C MET A 22 -0.76 -23.09 27.59
N GLN A 23 -1.14 -22.14 28.44
CA GLN A 23 -0.18 -21.42 29.26
C GLN A 23 0.56 -22.35 30.24
N SER A 24 -0.19 -23.27 30.86
CA SER A 24 0.36 -24.19 31.86
C SER A 24 1.33 -25.26 31.42
N THR A 25 1.31 -25.63 30.14
CA THR A 25 2.22 -26.68 29.69
C THR A 25 3.48 -26.13 29.04
N ILE A 26 3.76 -24.86 29.28
CA ILE A 26 4.97 -24.29 28.73
C ILE A 26 6.16 -24.93 29.47
N ARG A 27 7.27 -25.14 28.77
CA ARG A 27 8.47 -25.73 29.39
C ARG A 27 9.76 -25.26 28.72
N GLU A 28 10.90 -25.54 29.35
CA GLU A 28 12.21 -25.16 28.81
C GLU A 28 12.63 -26.25 27.83
N HIS A 29 13.02 -25.87 26.61
CA HIS A 29 13.46 -26.86 25.61
C HIS A 29 14.99 -26.87 25.52
N ARG A 30 15.58 -28.07 25.50
CA ARG A 30 17.03 -28.23 25.44
C ARG A 30 17.65 -27.45 24.30
N ASP A 31 16.76 -26.86 23.50
CA ASP A 31 17.14 -26.07 22.35
C ASP A 31 17.62 -24.69 22.78
N GLY A 32 16.99 -24.16 23.83
CA GLY A 32 17.36 -22.84 24.31
C GLY A 32 16.42 -21.78 23.75
N GLY A 33 15.45 -22.23 22.95
CA GLY A 33 14.50 -21.32 22.35
C GLY A 33 14.81 -21.02 20.90
N ASN A 34 16.02 -21.38 20.48
CA ASN A 34 16.42 -21.14 19.10
C ASN A 34 15.27 -21.41 18.13
N ALA A 35 14.58 -22.53 18.35
CA ALA A 35 13.47 -22.92 17.48
C ALA A 35 12.21 -22.10 17.72
N GLY A 36 11.60 -22.27 18.89
CA GLY A 36 10.38 -21.57 19.21
C GLY A 36 10.48 -20.18 19.82
N GLY A 37 11.69 -19.72 20.10
CA GLY A 37 11.87 -18.40 20.68
C GLY A 37 11.84 -18.38 22.19
N ILE A 38 12.43 -17.36 22.79
CA ILE A 38 12.49 -17.25 24.24
C ILE A 38 11.25 -16.64 24.84
N PHE A 39 10.69 -17.35 25.81
CA PHE A 39 9.47 -16.90 26.46
C PHE A 39 9.10 -17.94 27.50
N ASN A 40 8.28 -17.55 28.45
CA ASN A 40 7.82 -18.48 29.46
C ASN A 40 6.38 -18.13 29.77
N ARG A 41 5.75 -17.47 28.79
CA ARG A 41 4.34 -17.04 28.84
C ARG A 41 3.91 -16.57 27.45
N TYR A 42 2.64 -16.79 27.12
CA TYR A 42 2.07 -16.39 25.83
C TYR A 42 1.11 -15.24 26.05
N ASN A 43 0.63 -14.69 24.94
CA ASN A 43 -0.38 -13.63 24.96
C ASN A 43 -1.41 -14.22 24.02
N VAL A 44 -2.55 -14.62 24.56
CA VAL A 44 -3.60 -15.18 23.75
C VAL A 44 -4.37 -14.04 23.14
N ILE A 45 -4.47 -14.03 21.82
CA ILE A 45 -5.20 -12.99 21.11
C ILE A 45 -6.64 -13.42 20.96
N ARG A 46 -6.84 -14.71 20.72
CA ARG A 46 -8.19 -15.26 20.65
C ARG A 46 -8.20 -16.75 20.38
N ILE A 47 -9.34 -17.37 20.69
CA ILE A 47 -9.50 -18.80 20.51
C ILE A 47 -10.85 -19.04 19.86
N GLN A 48 -10.84 -19.78 18.75
CA GLN A 48 -12.07 -20.06 18.03
C GLN A 48 -12.31 -21.56 17.91
N LYS A 49 -13.55 -21.98 18.07
CA LYS A 49 -13.89 -23.38 17.97
C LYS A 49 -14.21 -23.70 16.50
N VAL A 50 -13.41 -24.58 15.92
CA VAL A 50 -13.59 -24.98 14.52
C VAL A 50 -14.78 -25.89 14.33
N VAL A 51 -15.70 -25.46 13.48
CA VAL A 51 -16.88 -26.24 13.20
C VAL A 51 -16.97 -26.58 11.72
N ASN A 52 -16.97 -27.87 11.43
CA ASN A 52 -17.06 -28.35 10.06
C ASN A 52 -17.77 -29.69 10.07
N LYS A 53 -18.93 -29.72 9.43
CA LYS A 53 -19.77 -30.90 9.36
C LYS A 53 -19.05 -32.12 8.80
N LYS A 54 -18.39 -31.98 7.66
CA LYS A 54 -17.68 -33.10 7.06
C LYS A 54 -16.49 -33.57 7.89
N LEU A 55 -15.70 -32.63 8.39
CA LEU A 55 -14.55 -33.00 9.21
C LEU A 55 -14.98 -33.76 10.44
N ARG A 56 -16.13 -33.38 10.98
CA ARG A 56 -16.64 -34.02 12.16
C ARG A 56 -17.08 -35.43 11.85
N GLU A 57 -17.73 -35.62 10.71
CA GLU A 57 -18.22 -36.93 10.30
C GLU A 57 -17.11 -37.95 10.08
N ARG A 58 -16.05 -37.54 9.42
CA ARG A 58 -14.92 -38.43 9.17
C ARG A 58 -14.23 -38.83 10.46
N PHE A 59 -14.03 -37.85 11.33
CA PHE A 59 -13.37 -38.06 12.62
C PHE A 59 -14.20 -39.01 13.49
N CYS A 60 -15.50 -38.71 13.58
CA CYS A 60 -16.40 -39.50 14.39
C CYS A 60 -16.54 -40.90 13.79
N HIS A 61 -16.64 -40.97 12.47
CA HIS A 61 -16.78 -42.25 11.78
C HIS A 61 -15.55 -43.10 12.07
N ARG A 62 -14.39 -42.45 12.07
CA ARG A 62 -13.14 -43.14 12.33
C ARG A 62 -13.06 -43.50 13.80
N GLN A 63 -13.69 -42.67 14.63
CA GLN A 63 -13.67 -42.87 16.06
C GLN A 63 -14.26 -44.21 16.47
N LYS A 64 -15.41 -44.59 15.93
CA LYS A 64 -15.98 -45.86 16.33
C LYS A 64 -15.26 -47.08 15.71
N GLU A 65 -14.53 -46.90 14.60
CA GLU A 65 -13.78 -48.02 14.03
C GLU A 65 -12.68 -48.38 15.04
N VAL A 66 -11.97 -47.36 15.53
CA VAL A 66 -10.91 -47.54 16.52
C VAL A 66 -11.48 -48.18 17.77
N SER A 67 -12.70 -47.78 18.11
CA SER A 67 -13.35 -48.31 19.30
C SER A 67 -13.59 -49.80 19.11
N GLU A 68 -14.03 -50.19 17.92
CA GLU A 68 -14.31 -51.60 17.63
C GLU A 68 -13.05 -52.41 17.90
N GLU A 69 -11.91 -51.88 17.45
CA GLU A 69 -10.63 -52.57 17.60
C GLU A 69 -9.93 -52.33 18.95
N ASN A 70 -10.45 -51.44 19.79
CA ASN A 70 -9.78 -51.18 21.08
C ASN A 70 -10.69 -51.33 22.30
N HIS A 71 -11.46 -52.42 22.30
CA HIS A 71 -12.38 -52.70 23.41
C HIS A 71 -13.40 -51.61 23.69
N ASN A 72 -13.94 -51.01 22.64
CA ASN A 72 -14.95 -49.96 22.80
C ASN A 72 -14.41 -48.77 23.59
N HIS A 73 -13.16 -48.41 23.30
CA HIS A 73 -12.48 -47.27 23.95
C HIS A 73 -11.63 -46.61 22.87
N HIS A 74 -12.02 -45.43 22.42
CA HIS A 74 -11.22 -44.79 21.40
C HIS A 74 -10.05 -44.01 21.97
N ASN A 75 -10.00 -43.94 23.31
CA ASN A 75 -8.90 -43.27 24.01
C ASN A 75 -8.60 -41.90 23.41
N GLU A 76 -9.61 -41.03 23.39
CA GLU A 76 -9.43 -39.69 22.86
C GLU A 76 -8.52 -38.90 23.78
N ARG A 77 -7.96 -37.81 23.27
CA ARG A 77 -7.07 -37.02 24.06
C ARG A 77 -6.83 -35.64 23.44
N MET A 78 -6.79 -34.62 24.28
CA MET A 78 -6.55 -33.26 23.81
C MET A 78 -5.05 -33.02 23.76
N LEU A 79 -4.56 -32.66 22.59
CA LEU A 79 -3.15 -32.40 22.39
C LEU A 79 -2.94 -31.22 21.48
N PHE A 80 -1.75 -30.63 21.55
CA PHE A 80 -1.42 -29.50 20.72
C PHE A 80 -0.74 -29.93 19.42
N HIS A 81 -0.93 -29.12 18.38
CA HIS A 81 -0.29 -29.36 17.11
C HIS A 81 0.11 -28.02 16.53
N GLY A 82 1.29 -27.97 15.94
CA GLY A 82 1.78 -26.75 15.35
C GLY A 82 2.51 -27.06 14.05
N SER A 83 2.19 -26.29 13.02
CA SER A 83 2.82 -26.41 11.71
C SER A 83 2.32 -25.25 10.86
N PRO A 84 2.96 -25.00 9.72
CA PRO A 84 2.59 -23.91 8.82
C PRO A 84 1.42 -24.25 7.90
N PHE A 85 0.63 -25.25 8.30
CA PHE A 85 -0.49 -25.68 7.48
C PHE A 85 -1.82 -25.61 8.19
N ILE A 86 -1.88 -24.85 9.27
CA ILE A 86 -3.08 -24.71 10.09
C ILE A 86 -4.30 -24.26 9.31
N ASN A 87 -4.15 -23.23 8.51
CA ASN A 87 -5.27 -22.71 7.75
C ASN A 87 -5.88 -23.72 6.79
N ALA A 88 -5.07 -24.66 6.31
CA ALA A 88 -5.56 -25.69 5.42
C ALA A 88 -6.23 -26.78 6.24
N ILE A 89 -5.64 -27.04 7.40
CA ILE A 89 -6.15 -28.06 8.30
C ILE A 89 -7.56 -27.79 8.85
N ILE A 90 -7.85 -26.55 9.17
CA ILE A 90 -9.15 -26.20 9.70
C ILE A 90 -10.25 -26.15 8.64
N HIS A 91 -9.85 -26.24 7.37
CA HIS A 91 -10.82 -26.22 6.28
C HIS A 91 -10.96 -27.59 5.67
N LYS A 92 -9.85 -28.30 5.52
CA LYS A 92 -9.89 -29.63 4.93
C LYS A 92 -9.57 -30.75 5.92
N GLY A 93 -9.27 -30.40 7.16
CA GLY A 93 -8.93 -31.41 8.13
C GLY A 93 -7.53 -31.94 7.94
N PHE A 94 -7.09 -32.81 8.83
CA PHE A 94 -5.77 -33.42 8.74
C PHE A 94 -5.77 -34.44 7.61
N ASP A 95 -4.75 -34.38 6.77
CA ASP A 95 -4.59 -35.27 5.62
C ASP A 95 -3.18 -35.88 5.69
N GLU A 96 -3.09 -37.19 5.92
CA GLU A 96 -1.76 -37.83 6.04
C GLU A 96 -0.92 -37.84 4.77
N ARG A 97 -1.50 -37.35 3.67
CA ARG A 97 -0.76 -37.27 2.43
C ARG A 97 0.20 -36.08 2.58
N HIS A 98 -0.13 -35.19 3.52
CA HIS A 98 0.70 -34.03 3.82
C HIS A 98 1.40 -34.27 5.15
N ALA A 99 1.54 -35.53 5.53
CA ALA A 99 2.21 -35.89 6.77
C ALA A 99 3.69 -35.58 6.64
N TYR A 100 4.34 -35.34 7.78
CA TYR A 100 5.76 -35.00 7.84
C TYR A 100 6.69 -36.23 7.78
N ILE A 101 7.19 -36.52 6.58
CA ILE A 101 8.06 -37.68 6.36
C ILE A 101 9.42 -37.64 7.10
N GLY A 102 9.85 -36.46 7.51
CA GLY A 102 11.13 -36.37 8.20
C GLY A 102 10.97 -36.63 9.68
N GLY A 103 9.75 -36.98 10.08
CA GLY A 103 9.46 -37.24 11.49
C GLY A 103 10.23 -38.36 12.15
N MET A 104 10.40 -38.23 13.46
CA MET A 104 11.11 -39.20 14.28
C MET A 104 10.54 -40.61 14.18
N PHE A 105 9.22 -40.67 14.06
CA PHE A 105 8.53 -41.94 13.98
C PHE A 105 7.88 -42.18 12.62
N GLY A 106 8.45 -41.57 11.59
CA GLY A 106 7.92 -41.76 10.25
C GLY A 106 6.96 -40.70 9.75
N ALA A 107 6.42 -40.95 8.57
CA ALA A 107 5.48 -40.05 7.91
C ALA A 107 4.14 -40.00 8.63
N GLY A 108 4.10 -39.27 9.74
CA GLY A 108 2.87 -39.14 10.48
C GLY A 108 2.53 -37.70 10.81
N ILE A 109 1.50 -37.53 11.63
CA ILE A 109 1.05 -36.23 12.10
C ILE A 109 1.37 -36.21 13.61
N TYR A 110 2.21 -35.27 14.00
CA TYR A 110 2.68 -35.16 15.37
C TYR A 110 1.94 -34.18 16.28
N PHE A 111 1.76 -34.61 17.53
CA PHE A 111 1.08 -33.81 18.53
C PHE A 111 1.93 -33.81 19.80
N ALA A 112 1.65 -32.88 20.70
CA ALA A 112 2.36 -32.77 21.96
C ALA A 112 1.38 -32.32 23.01
N GLU A 113 1.68 -32.60 24.27
CA GLU A 113 0.81 -32.17 25.34
C GLU A 113 1.36 -30.88 25.93
N ASN A 114 2.55 -30.52 25.48
CA ASN A 114 3.25 -29.30 25.88
C ASN A 114 3.13 -28.28 24.75
N SER A 115 2.33 -27.24 24.97
CA SER A 115 2.12 -26.21 23.97
C SER A 115 3.43 -25.64 23.46
N SER A 116 4.44 -25.61 24.32
CA SER A 116 5.73 -25.07 23.92
C SER A 116 6.46 -25.91 22.87
N LYS A 117 6.13 -27.19 22.78
CA LYS A 117 6.77 -28.06 21.78
C LYS A 117 6.16 -27.78 20.41
N SER A 118 4.84 -27.68 20.34
CA SER A 118 4.17 -27.40 19.08
C SER A 118 4.59 -26.02 18.55
N ASN A 119 4.92 -25.12 19.48
CA ASN A 119 5.32 -23.77 19.14
C ASN A 119 6.60 -23.72 18.33
N GLN A 120 7.45 -24.75 18.49
CA GLN A 120 8.71 -24.81 17.75
C GLN A 120 8.49 -25.05 16.28
N TYR A 121 7.34 -25.60 15.93
CA TYR A 121 7.02 -25.95 14.54
C TYR A 121 6.08 -25.01 13.78
N VAL A 122 5.48 -24.07 14.48
CA VAL A 122 4.56 -23.13 13.84
C VAL A 122 5.10 -22.59 12.52
N TYR A 123 6.38 -22.24 12.49
CA TYR A 123 6.99 -21.70 11.28
C TYR A 123 7.88 -22.70 10.52
N GLY A 124 7.69 -24.00 10.75
CA GLY A 124 8.50 -24.97 10.05
C GLY A 124 9.39 -25.81 10.95
N ILE A 125 10.09 -26.78 10.37
CA ILE A 125 10.97 -27.64 11.12
C ILE A 125 11.99 -26.81 11.85
N GLY A 126 12.21 -27.13 13.12
CA GLY A 126 13.17 -26.39 13.91
C GLY A 126 12.94 -24.90 13.84
N GLY A 127 11.69 -24.50 13.65
CA GLY A 127 11.37 -23.09 13.57
C GLY A 127 11.57 -22.49 12.19
N GLY A 128 12.25 -23.21 11.30
CA GLY A 128 12.47 -22.69 9.97
C GLY A 128 13.16 -21.34 9.97
N THR A 129 12.65 -20.40 9.17
CA THR A 129 13.24 -19.07 9.11
C THR A 129 12.45 -18.04 9.92
N GLY A 130 11.78 -18.47 10.98
CA GLY A 130 11.02 -17.53 11.79
C GLY A 130 9.84 -16.92 11.07
N CYS A 131 9.25 -15.86 11.66
CA CYS A 131 8.08 -15.21 11.07
C CYS A 131 8.26 -14.69 9.65
N PRO A 132 7.21 -14.79 8.82
CA PRO A 132 7.23 -14.35 7.43
C PRO A 132 7.64 -12.88 7.25
N THR A 133 7.10 -12.01 8.10
CA THR A 133 7.36 -10.57 8.01
C THR A 133 8.72 -10.06 8.48
N HIS A 134 9.23 -10.63 9.56
CA HIS A 134 10.51 -10.17 10.10
C HIS A 134 11.61 -11.22 10.03
N LYS A 135 11.24 -12.42 9.59
CA LYS A 135 12.17 -13.54 9.50
C LYS A 135 12.85 -13.71 10.84
N ASP A 136 12.05 -13.76 11.91
CA ASP A 136 12.57 -13.90 13.27
C ASP A 136 11.87 -15.06 13.97
N ARG A 137 12.64 -16.03 14.47
CA ARG A 137 12.03 -17.16 15.14
C ARG A 137 11.42 -16.77 16.48
N SER A 138 12.09 -15.87 17.18
CA SER A 138 11.64 -15.41 18.49
C SER A 138 10.82 -14.13 18.41
N CYS A 139 10.23 -13.84 17.25
CA CYS A 139 9.43 -12.62 17.10
C CYS A 139 8.38 -12.50 18.18
N TYR A 140 8.22 -11.29 18.73
CA TYR A 140 7.23 -11.07 19.77
C TYR A 140 6.11 -10.23 19.22
N ILE A 141 6.16 -9.99 17.92
CA ILE A 141 5.17 -9.14 17.26
C ILE A 141 4.11 -9.89 16.48
N CYS A 142 4.56 -10.63 15.47
CA CYS A 142 3.62 -11.36 14.63
C CYS A 142 2.72 -12.34 15.38
N HIS A 143 1.52 -12.52 14.84
CA HIS A 143 0.54 -13.44 15.43
C HIS A 143 0.79 -14.87 15.00
N ARG A 144 0.76 -15.79 15.96
CA ARG A 144 0.98 -17.20 15.66
C ARG A 144 -0.31 -18.00 15.83
N GLN A 145 -0.30 -19.22 15.33
CA GLN A 145 -1.46 -20.08 15.44
C GLN A 145 -1.04 -21.53 15.67
N MET A 146 -1.71 -22.20 16.59
CA MET A 146 -1.46 -23.62 16.87
C MET A 146 -2.84 -24.16 17.18
N LEU A 147 -3.00 -25.48 17.15
CA LEU A 147 -4.30 -26.09 17.43
C LEU A 147 -4.30 -26.90 18.69
N PHE A 148 -5.48 -27.03 19.30
CA PHE A 148 -5.64 -27.85 20.49
C PHE A 148 -6.68 -28.81 19.96
N CYS A 149 -6.23 -30.01 19.60
CA CYS A 149 -7.08 -31.00 18.98
C CYS A 149 -7.57 -32.18 19.82
N ARG A 150 -8.56 -32.85 19.27
CA ARG A 150 -9.11 -34.06 19.86
C ARG A 150 -8.30 -35.07 19.06
N VAL A 151 -7.65 -36.00 19.73
CA VAL A 151 -6.86 -36.99 19.02
C VAL A 151 -7.30 -38.37 19.45
N THR A 152 -7.66 -39.19 18.47
CA THR A 152 -8.10 -40.55 18.72
C THR A 152 -6.87 -41.44 18.66
N LEU A 153 -6.38 -41.85 19.82
CA LEU A 153 -5.19 -42.66 19.89
C LEU A 153 -5.38 -44.17 19.82
N GLY A 154 -6.56 -44.64 20.21
CA GLY A 154 -6.83 -46.06 20.19
C GLY A 154 -5.80 -46.82 21.00
N LYS A 155 -5.27 -47.90 20.45
CA LYS A 155 -4.26 -48.67 21.13
C LYS A 155 -2.96 -48.05 20.65
N SER A 156 -2.17 -47.52 21.59
CA SER A 156 -0.93 -46.88 21.21
C SER A 156 0.31 -47.75 21.33
N PHE A 157 1.08 -47.77 20.25
CA PHE A 157 2.31 -48.53 20.28
C PHE A 157 3.33 -47.66 21.02
N LEU A 158 3.68 -48.08 22.23
CA LEU A 158 4.65 -47.33 23.01
C LEU A 158 6.07 -47.63 22.55
N GLN A 159 6.83 -46.58 22.27
CA GLN A 159 8.22 -46.71 21.84
C GLN A 159 9.09 -45.57 22.31
N PHE A 160 10.36 -45.90 22.52
CA PHE A 160 11.36 -44.98 23.05
C PHE A 160 12.31 -44.49 21.97
N SER A 161 12.78 -45.42 21.15
CA SER A 161 13.74 -45.13 20.10
C SER A 161 13.13 -44.72 18.75
N THR A 162 13.97 -44.09 17.92
CA THR A 162 13.57 -43.66 16.59
C THR A 162 13.26 -44.89 15.73
N MET A 163 12.14 -44.84 15.04
CA MET A 163 11.75 -45.92 14.15
C MET A 163 10.67 -45.38 13.26
N LYS A 164 11.09 -45.09 12.03
CA LYS A 164 10.23 -44.54 11.02
C LYS A 164 9.21 -45.53 10.49
N MET A 165 7.95 -45.19 10.65
CA MET A 165 6.84 -46.02 10.18
C MET A 165 6.07 -45.23 9.16
N ALA A 166 5.30 -45.96 8.35
CA ALA A 166 4.48 -45.38 7.31
C ALA A 166 3.05 -45.42 7.82
N HIS A 167 2.77 -46.43 8.65
CA HIS A 167 1.46 -46.66 9.23
C HIS A 167 1.62 -47.16 10.65
N ALA A 168 0.56 -47.14 11.44
CA ALA A 168 0.65 -47.62 12.81
C ALA A 168 1.00 -49.10 12.76
N PRO A 169 1.61 -49.64 13.84
CA PRO A 169 1.96 -51.06 13.85
C PRO A 169 0.67 -51.89 13.93
N PRO A 170 0.68 -53.12 13.38
CA PRO A 170 -0.52 -53.98 13.41
C PRO A 170 -1.23 -54.00 14.74
N GLY A 171 -2.55 -53.95 14.68
CA GLY A 171 -3.34 -53.98 15.89
C GLY A 171 -3.26 -52.73 16.73
N HIS A 172 -2.57 -51.71 16.22
CA HIS A 172 -2.44 -50.46 16.95
C HIS A 172 -3.03 -49.33 16.09
N HIS A 173 -3.16 -48.15 16.68
CA HIS A 173 -3.73 -47.03 15.96
C HIS A 173 -2.90 -45.76 16.12
N SER A 174 -1.79 -45.83 16.84
CA SER A 174 -0.95 -44.67 17.04
C SER A 174 0.39 -45.03 17.67
N VAL A 175 1.33 -44.09 17.66
CA VAL A 175 2.63 -44.30 18.25
C VAL A 175 2.94 -43.23 19.28
N ILE A 176 3.40 -43.66 20.44
CA ILE A 176 3.77 -42.73 21.49
C ILE A 176 5.26 -42.84 21.77
N GLY A 177 5.98 -41.79 21.43
CA GLY A 177 7.40 -41.74 21.69
C GLY A 177 7.51 -41.37 23.15
N ARG A 178 8.13 -42.23 23.94
CA ARG A 178 8.29 -42.01 25.37
C ARG A 178 9.70 -41.49 25.66
N PRO A 179 9.83 -40.62 26.68
CA PRO A 179 11.09 -40.01 27.12
C PRO A 179 12.18 -41.04 27.42
N SER A 180 13.39 -40.75 26.92
CA SER A 180 14.54 -41.63 27.08
C SER A 180 15.78 -40.77 27.37
N VAL A 181 16.56 -41.18 28.38
CA VAL A 181 17.78 -40.46 28.78
C VAL A 181 18.52 -39.83 27.61
N ASN A 182 18.96 -40.66 26.65
CA ASN A 182 19.68 -40.16 25.48
C ASN A 182 18.67 -39.88 24.39
N GLY A 183 17.40 -39.76 24.78
CA GLY A 183 16.37 -39.52 23.80
C GLY A 183 15.41 -38.40 24.16
N LEU A 184 14.18 -38.55 23.68
CA LEU A 184 13.13 -37.57 23.90
C LEU A 184 13.07 -36.99 25.29
N ALA A 185 13.03 -35.67 25.36
CA ALA A 185 12.91 -35.09 26.67
C ALA A 185 11.48 -35.52 27.02
N TYR A 186 10.51 -35.02 26.25
CA TYR A 186 9.11 -35.35 26.48
C TYR A 186 8.43 -36.13 25.36
N ALA A 187 7.32 -36.78 25.69
CA ALA A 187 6.56 -37.62 24.76
C ALA A 187 5.83 -36.85 23.66
N GLU A 188 5.75 -37.51 22.50
CA GLU A 188 5.06 -36.97 21.34
C GLU A 188 4.14 -38.05 20.81
N TYR A 189 2.96 -37.65 20.35
CA TYR A 189 1.97 -38.59 19.86
C TYR A 189 1.88 -38.53 18.35
N VAL A 190 1.80 -39.68 17.72
CA VAL A 190 1.77 -39.75 16.26
C VAL A 190 0.63 -40.59 15.72
N ILE A 191 0.02 -40.14 14.63
CA ILE A 191 -1.05 -40.89 13.97
C ILE A 191 -0.69 -40.90 12.49
N TYR A 192 -1.20 -41.88 11.75
CA TYR A 192 -0.88 -42.00 10.32
C TYR A 192 -2.14 -41.88 9.44
N ARG A 193 -3.24 -41.50 10.08
CA ARG A 193 -4.54 -41.29 9.44
C ARG A 193 -5.06 -39.93 9.93
N GLY A 194 -5.16 -38.97 9.01
CA GLY A 194 -5.61 -37.65 9.37
C GLY A 194 -6.94 -37.54 10.09
N GLU A 195 -7.91 -38.36 9.69
CA GLU A 195 -9.23 -38.33 10.30
C GLU A 195 -9.30 -38.84 11.74
N GLN A 196 -8.15 -39.07 12.36
CA GLN A 196 -8.12 -39.52 13.74
C GLN A 196 -7.77 -38.36 14.64
N ALA A 197 -7.96 -37.15 14.14
CA ALA A 197 -7.68 -35.95 14.92
C ALA A 197 -8.60 -34.85 14.41
N TYR A 198 -9.24 -34.14 15.33
CA TYR A 198 -10.11 -33.04 14.95
C TYR A 198 -9.49 -31.77 15.48
N PRO A 199 -9.29 -30.77 14.61
CA PRO A 199 -8.70 -29.50 15.05
C PRO A 199 -9.72 -28.65 15.82
N GLU A 200 -10.07 -29.11 17.01
CA GLU A 200 -11.03 -28.46 17.90
C GLU A 200 -10.91 -26.94 17.97
N TYR A 201 -9.82 -26.48 18.59
CA TYR A 201 -9.58 -25.07 18.81
C TYR A 201 -8.43 -24.48 18.05
N LEU A 202 -8.66 -23.28 17.53
CA LEU A 202 -7.66 -22.53 16.79
C LEU A 202 -7.26 -21.37 17.69
N ILE A 203 -6.07 -21.46 18.28
CA ILE A 203 -5.58 -20.41 19.16
C ILE A 203 -4.65 -19.44 18.44
N THR A 204 -5.02 -18.16 18.41
CA THR A 204 -4.18 -17.14 17.78
C THR A 204 -3.45 -16.48 18.96
N TYR A 205 -2.14 -16.35 18.85
CA TYR A 205 -1.40 -15.82 19.98
C TYR A 205 -0.04 -15.22 19.65
N GLN A 206 0.66 -14.83 20.71
CA GLN A 206 1.99 -14.26 20.61
C GLN A 206 2.78 -14.81 21.79
N ILE A 207 4.06 -15.04 21.59
CA ILE A 207 4.92 -15.47 22.67
C ILE A 207 5.26 -14.12 23.29
N MET A 208 5.61 -14.11 24.56
CA MET A 208 5.92 -12.86 25.21
C MET A 208 7.37 -12.74 25.68
N LYS A 209 7.95 -11.58 25.43
CA LYS A 209 9.33 -11.34 25.83
C LYS A 209 9.40 -11.31 27.35
N PRO A 210 10.27 -12.15 27.94
CA PRO A 210 10.52 -12.34 29.37
C PRO A 210 10.46 -11.10 30.28
N GLU A 211 10.52 -11.32 31.59
CA GLU A 211 10.47 -10.21 32.55
C GLU A 211 11.53 -10.28 33.65
N GLN B 1 -20.56 12.34 36.13
CA GLN B 1 -19.46 13.30 36.46
C GLN B 1 -18.20 12.72 35.86
N GLY B 2 -17.08 13.41 36.03
CA GLY B 2 -15.84 12.91 35.49
C GLY B 2 -15.81 12.82 33.97
N THR B 3 -14.76 12.18 33.48
CA THR B 3 -14.52 11.99 32.06
C THR B 3 -15.10 10.69 31.52
N ILE B 4 -15.59 10.73 30.29
CA ILE B 4 -16.15 9.56 29.64
C ILE B 4 -15.39 9.37 28.33
N LEU B 5 -14.87 8.18 28.12
CA LEU B 5 -14.14 7.90 26.89
C LEU B 5 -15.05 7.18 25.92
N LEU B 6 -15.33 7.81 24.78
CA LEU B 6 -16.18 7.20 23.78
C LEU B 6 -15.37 6.54 22.68
N ASP B 7 -15.57 5.25 22.50
CA ASP B 7 -14.89 4.49 21.47
C ASP B 7 -15.37 4.89 20.10
N LEU B 8 -14.43 5.24 19.23
CA LEU B 8 -14.78 5.59 17.86
C LEU B 8 -14.56 4.31 17.07
N ALA B 9 -15.58 3.94 16.31
CA ALA B 9 -15.52 2.74 15.50
C ALA B 9 -14.59 2.95 14.31
N PRO B 10 -13.71 1.99 14.03
CA PRO B 10 -12.79 2.11 12.90
C PRO B 10 -13.43 2.39 11.54
N GLU B 11 -14.73 2.08 11.39
CA GLU B 11 -15.40 2.36 10.12
C GLU B 11 -16.06 3.73 10.15
N ASP B 12 -15.73 4.50 11.18
CA ASP B 12 -16.22 5.85 11.40
C ASP B 12 -15.34 6.83 10.63
N LYS B 13 -15.95 7.82 10.00
CA LYS B 13 -15.19 8.82 9.28
C LYS B 13 -14.34 9.60 10.29
N GLU B 14 -14.90 9.84 11.48
CA GLU B 14 -14.18 10.60 12.49
C GLU B 14 -12.93 9.84 12.95
N TYR B 15 -13.07 8.55 13.15
CA TYR B 15 -11.96 7.72 13.56
C TYR B 15 -10.94 7.74 12.41
N GLN B 16 -11.44 7.48 11.21
CA GLN B 16 -10.61 7.45 10.01
C GLN B 16 -9.87 8.74 9.74
N SER B 17 -10.48 9.86 10.11
CA SER B 17 -9.84 11.14 9.90
C SER B 17 -8.71 11.32 10.91
N VAL B 18 -8.92 10.90 12.16
CA VAL B 18 -7.87 11.07 13.14
C VAL B 18 -6.64 10.21 12.80
N GLU B 19 -6.86 8.95 12.44
CA GLU B 19 -5.76 8.06 12.09
C GLU B 19 -4.97 8.58 10.89
N GLU B 20 -5.68 9.11 9.91
CA GLU B 20 -5.08 9.65 8.70
C GLU B 20 -4.14 10.78 9.05
N GLU B 21 -4.60 11.68 9.91
CA GLU B 21 -3.78 12.79 10.32
C GLU B 21 -2.57 12.24 11.10
N MET B 22 -2.82 11.22 11.92
CA MET B 22 -1.78 10.61 12.72
C MET B 22 -0.75 9.88 11.87
N GLN B 23 -1.23 8.95 11.06
CA GLN B 23 -0.35 8.18 10.22
C GLN B 23 0.45 9.03 9.22
N SER B 24 -0.21 9.91 8.47
CA SER B 24 0.50 10.66 7.45
C SER B 24 1.44 11.78 7.81
N THR B 25 1.36 12.31 9.03
CA THR B 25 2.25 13.39 9.42
C THR B 25 3.58 12.87 9.92
N ILE B 26 3.80 11.56 9.81
CA ILE B 26 5.07 11.00 10.26
C ILE B 26 6.19 11.54 9.37
N ARG B 27 7.36 11.75 9.97
CA ARG B 27 8.53 12.24 9.24
C ARG B 27 9.79 11.61 9.84
N GLU B 28 10.94 11.80 9.19
CA GLU B 28 12.19 11.24 9.72
C GLU B 28 12.93 12.20 10.65
N HIS B 29 13.01 11.83 11.93
CA HIS B 29 13.67 12.67 12.92
C HIS B 29 15.20 12.55 12.87
N ARG B 30 15.86 13.71 12.94
CA ARG B 30 17.33 13.79 12.93
C ARG B 30 17.89 13.03 14.13
N ASP B 31 16.99 12.51 14.96
CA ASP B 31 17.39 11.76 16.12
C ASP B 31 17.88 10.39 15.69
N GLY B 32 17.56 10.01 14.46
CA GLY B 32 17.97 8.70 14.00
C GLY B 32 17.02 7.66 14.57
N GLY B 33 15.97 8.13 15.23
CA GLY B 33 14.98 7.24 15.82
C GLY B 33 15.22 6.90 17.28
N ASN B 34 16.35 7.36 17.81
CA ASN B 34 16.70 7.09 19.20
C ASN B 34 15.62 7.47 20.23
N ALA B 35 14.97 8.61 20.02
CA ALA B 35 13.93 9.06 20.96
C ALA B 35 12.60 8.31 20.85
N GLY B 36 12.02 8.32 19.66
CA GLY B 36 10.73 7.66 19.47
C GLY B 36 10.78 6.28 18.87
N GLY B 37 11.95 5.87 18.38
CA GLY B 37 12.07 4.54 17.79
C GLY B 37 12.25 4.60 16.28
N ILE B 38 12.35 3.43 15.66
CA ILE B 38 12.53 3.33 14.21
C ILE B 38 11.25 2.76 13.62
N PHE B 39 10.57 3.56 12.81
CA PHE B 39 9.31 3.16 12.21
C PHE B 39 8.89 4.18 11.17
N ASN B 40 7.99 3.80 10.28
CA ASN B 40 7.49 4.74 9.27
C ASN B 40 5.97 4.61 9.23
N ARG B 41 5.43 3.96 10.24
CA ARG B 41 3.98 3.75 10.38
C ARG B 41 3.67 3.21 11.77
N TYR B 42 2.44 3.47 12.21
CA TYR B 42 1.96 3.03 13.51
C TYR B 42 0.95 1.92 13.31
N ASN B 43 0.46 1.43 14.44
CA ASN B 43 -0.59 0.43 14.47
C ASN B 43 -1.54 1.03 15.47
N VAL B 44 -2.64 1.58 14.97
CA VAL B 44 -3.62 2.20 15.84
C VAL B 44 -4.49 1.13 16.46
N ILE B 45 -4.39 0.98 17.77
CA ILE B 45 -5.16 -0.01 18.49
C ILE B 45 -6.52 0.54 18.91
N ARG B 46 -6.62 1.85 19.09
CA ARG B 46 -7.88 2.43 19.54
C ARG B 46 -7.81 3.96 19.54
N ILE B 47 -8.96 4.58 19.27
CA ILE B 47 -9.10 6.03 19.27
C ILE B 47 -10.39 6.34 20.04
N GLN B 48 -10.24 7.04 21.16
CA GLN B 48 -11.37 7.38 22.01
C GLN B 48 -11.60 8.89 22.09
N LYS B 49 -12.85 9.29 22.27
CA LYS B 49 -13.17 10.70 22.36
C LYS B 49 -13.33 11.04 23.84
N VAL B 50 -12.59 12.04 24.30
CA VAL B 50 -12.67 12.44 25.70
C VAL B 50 -13.79 13.43 25.96
N VAL B 51 -14.70 13.07 26.85
CA VAL B 51 -15.80 13.97 27.16
C VAL B 51 -15.79 14.30 28.66
N ASN B 52 -15.72 15.59 28.95
CA ASN B 52 -15.68 16.08 30.31
C ASN B 52 -16.28 17.48 30.34
N LYS B 53 -17.43 17.59 31.00
CA LYS B 53 -18.17 18.83 31.11
C LYS B 53 -17.30 19.98 31.64
N LYS B 54 -16.48 19.68 32.64
CA LYS B 54 -15.61 20.67 33.24
C LYS B 54 -14.55 21.19 32.26
N LEU B 55 -13.76 20.28 31.71
CA LEU B 55 -12.71 20.67 30.78
C LEU B 55 -13.30 21.43 29.59
N ARG B 56 -14.44 20.97 29.08
CA ARG B 56 -15.11 21.64 27.97
C ARG B 56 -15.45 23.06 28.41
N GLU B 57 -15.91 23.20 29.65
CA GLU B 57 -16.26 24.49 30.24
C GLU B 57 -15.08 25.47 30.22
N ARG B 58 -13.96 25.06 30.81
CA ARG B 58 -12.76 25.90 30.88
C ARG B 58 -12.24 26.29 29.51
N PHE B 59 -12.08 25.29 28.66
CA PHE B 59 -11.59 25.48 27.31
C PHE B 59 -12.48 26.51 26.62
N CYS B 60 -13.78 26.23 26.63
CA CYS B 60 -14.72 27.10 25.98
C CYS B 60 -14.77 28.51 26.58
N HIS B 61 -14.62 28.62 27.89
CA HIS B 61 -14.63 29.92 28.56
C HIS B 61 -13.38 30.72 28.20
N ARG B 62 -12.25 30.04 28.14
CA ARG B 62 -10.99 30.69 27.81
C ARG B 62 -10.99 31.06 26.33
N GLN B 63 -11.57 30.20 25.51
CA GLN B 63 -11.62 30.44 24.09
C GLN B 63 -12.25 31.79 23.75
N LYS B 64 -13.34 32.18 24.40
CA LYS B 64 -13.88 33.47 24.03
C LYS B 64 -13.15 34.66 24.60
N GLU B 65 -12.22 34.43 25.53
CA GLU B 65 -11.44 35.54 26.06
C GLU B 65 -10.38 35.80 25.00
N VAL B 66 -9.89 34.73 24.39
CA VAL B 66 -8.88 34.84 23.34
C VAL B 66 -9.48 35.60 22.17
N SER B 67 -10.71 35.25 21.81
CA SER B 67 -11.42 35.92 20.71
C SER B 67 -11.46 37.43 20.92
N GLU B 68 -12.08 37.87 22.01
CA GLU B 68 -12.16 39.30 22.27
C GLU B 68 -10.78 39.91 22.13
N GLU B 69 -9.76 39.14 22.51
CA GLU B 69 -8.39 39.64 22.48
C GLU B 69 -7.64 39.42 21.16
N ASN B 70 -8.28 38.78 20.18
CA ASN B 70 -7.65 38.52 18.89
C ASN B 70 -8.63 38.72 17.72
N HIS B 71 -9.32 39.85 17.74
CA HIS B 71 -10.27 40.23 16.69
C HIS B 71 -11.36 39.19 16.40
N ASN B 72 -11.93 38.64 17.46
CA ASN B 72 -12.99 37.65 17.36
C ASN B 72 -12.57 36.39 16.61
N HIS B 73 -11.31 36.00 16.75
CA HIS B 73 -10.77 34.79 16.12
C HIS B 73 -9.95 34.06 17.16
N HIS B 74 -10.39 32.88 17.60
CA HIS B 74 -9.59 32.18 18.59
C HIS B 74 -8.46 31.32 18.01
N ASN B 75 -8.40 31.22 16.69
CA ASN B 75 -7.34 30.48 15.99
C ASN B 75 -7.10 29.08 16.56
N GLU B 76 -8.12 28.22 16.47
CA GLU B 76 -8.02 26.85 16.97
C GLU B 76 -7.27 25.95 16.00
N ARG B 77 -6.50 25.03 16.54
CA ARG B 77 -5.71 24.09 15.76
C ARG B 77 -5.69 22.71 16.37
N MET B 78 -5.83 21.70 15.52
CA MET B 78 -5.76 20.33 15.98
C MET B 78 -4.26 20.02 15.92
N LEU B 79 -3.70 19.60 17.05
CA LEU B 79 -2.29 19.29 17.14
C LEU B 79 -2.08 18.13 18.10
N PHE B 80 -0.98 17.41 17.91
CA PHE B 80 -0.66 16.26 18.74
C PHE B 80 0.16 16.63 19.98
N HIS B 81 0.03 15.81 21.01
CA HIS B 81 0.78 15.99 22.23
C HIS B 81 1.15 14.63 22.81
N GLY B 82 2.40 14.49 23.23
CA GLY B 82 2.86 13.26 23.83
C GLY B 82 3.60 13.56 25.13
N SER B 83 3.44 12.69 26.11
CA SER B 83 4.12 12.80 27.41
C SER B 83 3.57 11.74 28.36
N PRO B 84 4.26 11.49 29.47
CA PRO B 84 3.82 10.49 30.44
C PRO B 84 2.71 10.94 31.38
N PHE B 85 1.93 11.95 30.97
CA PHE B 85 0.86 12.46 31.81
C PHE B 85 -0.48 12.49 31.13
N ILE B 86 -0.64 11.71 30.06
CA ILE B 86 -1.87 11.67 29.29
C ILE B 86 -3.08 11.28 30.15
N ASN B 87 -2.91 10.25 30.97
CA ASN B 87 -4.02 9.80 31.82
C ASN B 87 -4.47 10.85 32.81
N ALA B 88 -3.55 11.69 33.26
CA ALA B 88 -3.91 12.74 34.20
C ALA B 88 -4.60 13.87 33.43
N ILE B 89 -4.11 14.10 32.22
CA ILE B 89 -4.63 15.15 31.36
C ILE B 89 -6.08 14.91 30.92
N ILE B 90 -6.43 13.66 30.63
CA ILE B 90 -7.80 13.39 30.20
C ILE B 90 -8.83 13.43 31.33
N HIS B 91 -8.37 13.41 32.57
CA HIS B 91 -9.29 13.47 33.69
C HIS B 91 -9.30 14.87 34.28
N LYS B 92 -8.12 15.48 34.37
CA LYS B 92 -8.06 16.81 34.95
C LYS B 92 -7.75 17.93 33.95
N GLY B 93 -7.51 17.57 32.70
CA GLY B 93 -7.21 18.56 31.69
C GLY B 93 -5.80 19.07 31.84
N PHE B 94 -5.36 19.92 30.92
CA PHE B 94 -4.01 20.49 30.95
C PHE B 94 -3.89 21.52 32.06
N ASP B 95 -2.81 21.43 32.83
CA ASP B 95 -2.54 22.33 33.95
C ASP B 95 -1.11 22.87 33.81
N GLU B 96 -0.97 24.16 33.52
CA GLU B 96 0.37 24.72 33.34
C GLU B 96 1.27 24.59 34.55
N ARG B 97 0.70 24.29 35.72
CA ARG B 97 1.48 24.10 36.94
C ARG B 97 2.31 22.82 36.77
N HIS B 98 1.96 22.02 35.75
CA HIS B 98 2.64 20.79 35.44
C HIS B 98 3.34 20.93 34.09
N ALA B 99 3.65 22.17 33.74
CA ALA B 99 4.31 22.44 32.46
C ALA B 99 5.76 22.01 32.52
N TYR B 100 6.31 21.72 31.34
CA TYR B 100 7.70 21.28 31.21
C TYR B 100 8.62 22.50 31.26
N ILE B 101 9.27 22.71 32.40
CA ILE B 101 10.17 23.84 32.59
C ILE B 101 11.43 23.80 31.73
N GLY B 102 11.80 22.61 31.27
CA GLY B 102 12.99 22.51 30.44
C GLY B 102 12.69 22.78 28.98
N GLY B 103 11.46 23.20 28.69
CA GLY B 103 11.06 23.48 27.32
C GLY B 103 11.86 24.51 26.53
N MET B 104 11.91 24.31 25.22
CA MET B 104 12.64 25.21 24.35
C MET B 104 12.15 26.64 24.45
N PHE B 105 10.87 26.82 24.73
CA PHE B 105 10.31 28.15 24.86
C PHE B 105 9.79 28.40 26.28
N GLY B 106 10.45 27.76 27.24
CA GLY B 106 10.07 27.92 28.62
C GLY B 106 9.05 26.93 29.13
N ALA B 107 8.66 27.12 30.39
CA ALA B 107 7.69 26.28 31.06
C ALA B 107 6.33 26.37 30.38
N GLY B 108 6.16 25.62 29.29
CA GLY B 108 4.89 25.63 28.58
C GLY B 108 4.42 24.22 28.26
N ILE B 109 3.28 24.14 27.59
CA ILE B 109 2.71 22.86 27.19
C ILE B 109 2.94 22.80 25.68
N TYR B 110 3.72 21.80 25.25
CA TYR B 110 4.09 21.66 23.86
C TYR B 110 3.27 20.74 22.99
N PHE B 111 3.03 21.18 21.77
CA PHE B 111 2.26 20.42 20.80
C PHE B 111 3.02 20.41 19.49
N ALA B 112 2.66 19.47 18.62
CA ALA B 112 3.29 19.33 17.30
C ALA B 112 2.19 19.02 16.31
N GLU B 113 2.47 19.28 15.05
CA GLU B 113 1.52 18.98 13.99
C GLU B 113 1.92 17.65 13.36
N ASN B 114 3.15 17.21 13.65
CA ASN B 114 3.64 15.92 13.16
C ASN B 114 3.57 14.94 14.33
N SER B 115 2.78 13.89 14.17
CA SER B 115 2.61 12.89 15.21
C SER B 115 3.92 12.22 15.63
N SER B 116 4.88 12.15 14.72
CA SER B 116 6.15 11.53 15.05
C SER B 116 6.95 12.36 16.05
N LYS B 117 6.68 13.65 16.10
CA LYS B 117 7.37 14.51 17.05
C LYS B 117 6.85 14.25 18.46
N SER B 118 5.53 14.22 18.62
CA SER B 118 4.95 13.96 19.94
C SER B 118 5.29 12.55 20.42
N ASN B 119 5.55 11.65 19.47
CA ASN B 119 5.90 10.28 19.82
C ASN B 119 7.22 10.19 20.57
N GLN B 120 8.11 11.15 20.32
CA GLN B 120 9.41 11.19 20.96
C GLN B 120 9.28 11.52 22.46
N TYR B 121 8.09 11.95 22.88
CA TYR B 121 7.90 12.35 24.27
C TYR B 121 6.98 11.47 25.11
N VAL B 122 6.43 10.44 24.48
CA VAL B 122 5.53 9.53 25.17
C VAL B 122 6.14 8.98 26.46
N TYR B 123 7.39 8.54 26.42
CA TYR B 123 8.03 7.99 27.60
C TYR B 123 8.96 8.95 28.36
N GLY B 124 8.79 10.25 28.16
CA GLY B 124 9.65 11.19 28.85
C GLY B 124 10.57 11.91 27.88
N ILE B 125 11.27 12.92 28.38
CA ILE B 125 12.18 13.69 27.56
C ILE B 125 13.23 12.80 26.91
N GLY B 126 13.56 13.08 25.66
CA GLY B 126 14.53 12.28 24.94
C GLY B 126 14.04 10.86 24.77
N GLY B 127 12.78 10.63 25.14
CA GLY B 127 12.22 9.31 25.06
C GLY B 127 12.47 8.59 26.37
N GLY B 128 13.30 9.21 27.20
CA GLY B 128 13.62 8.64 28.50
C GLY B 128 14.27 7.28 28.44
N THR B 129 13.85 6.38 29.34
CA THR B 129 14.40 5.02 29.37
C THR B 129 13.51 4.03 28.64
N GLY B 130 12.63 4.52 27.77
CA GLY B 130 11.77 3.61 27.01
C GLY B 130 10.55 3.09 27.75
N CYS B 131 10.03 1.95 27.30
CA CYS B 131 8.85 1.35 27.93
C CYS B 131 9.11 0.78 29.32
N PRO B 132 8.16 0.95 30.24
CA PRO B 132 8.26 0.47 31.63
C PRO B 132 8.62 -1.01 31.73
N THR B 133 8.11 -1.80 30.78
CA THR B 133 8.35 -3.24 30.80
C THR B 133 9.70 -3.76 30.34
N HIS B 134 10.18 -3.29 29.19
CA HIS B 134 11.46 -3.78 28.64
C HIS B 134 12.53 -2.70 28.52
N LYS B 135 12.22 -1.50 29.00
CA LYS B 135 13.18 -0.41 28.92
C LYS B 135 13.69 -0.27 27.48
N ASP B 136 12.78 -0.12 26.54
CA ASP B 136 13.14 0.01 25.13
C ASP B 136 12.41 1.18 24.46
N ARG B 137 13.16 2.22 24.14
CA ARG B 137 12.57 3.38 23.50
C ARG B 137 11.88 3.05 22.20
N SER B 138 12.35 2.01 21.52
CA SER B 138 11.76 1.61 20.25
C SER B 138 10.90 0.36 20.36
N CYS B 139 10.34 0.10 21.54
CA CYS B 139 9.52 -1.10 21.71
C CYS B 139 8.36 -1.16 20.73
N TYR B 140 8.13 -2.35 20.17
CA TYR B 140 7.06 -2.56 19.20
C TYR B 140 5.96 -3.39 19.83
N ILE B 141 6.08 -3.64 21.13
CA ILE B 141 5.11 -4.45 21.85
C ILE B 141 4.19 -3.61 22.72
N CYS B 142 4.79 -2.91 23.68
CA CYS B 142 4.04 -2.09 24.61
C CYS B 142 3.16 -1.06 23.88
N HIS B 143 2.03 -0.76 24.50
CA HIS B 143 1.08 0.18 23.94
C HIS B 143 1.39 1.64 24.30
N ARG B 144 1.36 2.51 23.29
CA ARG B 144 1.65 3.92 23.51
C ARG B 144 0.40 4.75 23.35
N GLN B 145 0.41 5.94 23.95
CA GLN B 145 -0.73 6.83 23.86
C GLN B 145 -0.24 8.24 23.59
N MET B 146 -1.03 9.00 22.83
CA MET B 146 -0.73 10.40 22.57
C MET B 146 -2.09 11.03 22.32
N LEU B 147 -2.14 12.35 22.41
CA LEU B 147 -3.38 13.06 22.22
C LEU B 147 -3.34 13.89 20.95
N PHE B 148 -4.53 14.14 20.42
CA PHE B 148 -4.69 14.96 19.24
C PHE B 148 -5.69 15.94 19.83
N CYS B 149 -5.21 17.13 20.16
CA CYS B 149 -6.04 18.12 20.82
C CYS B 149 -6.43 19.35 20.01
N ARG B 150 -7.47 20.02 20.51
CA ARG B 150 -7.96 21.26 19.93
C ARG B 150 -7.08 22.21 20.72
N VAL B 151 -6.40 23.11 20.04
CA VAL B 151 -5.55 24.05 20.74
C VAL B 151 -5.93 25.45 20.34
N THR B 152 -6.22 26.28 21.32
CA THR B 152 -6.59 27.67 21.06
C THR B 152 -5.27 28.46 21.07
N LEU B 153 -4.85 28.90 19.89
CA LEU B 153 -3.59 29.63 19.74
C LEU B 153 -3.70 31.15 19.77
N GLY B 154 -4.83 31.67 19.29
CA GLY B 154 -5.02 33.11 19.28
C GLY B 154 -3.92 33.78 18.48
N LYS B 155 -3.36 34.86 19.02
CA LYS B 155 -2.29 35.55 18.31
C LYS B 155 -0.99 34.91 18.78
N SER B 156 -0.30 34.27 17.84
CA SER B 156 0.95 33.59 18.16
C SER B 156 2.22 34.39 17.91
N PHE B 157 3.12 34.37 18.88
CA PHE B 157 4.40 35.07 18.77
C PHE B 157 5.30 34.11 18.02
N LEU B 158 5.86 34.54 16.89
CA LEU B 158 6.74 33.69 16.11
C LEU B 158 8.20 33.78 16.53
N GLN B 159 8.79 32.61 16.79
CA GLN B 159 10.16 32.54 17.25
C GLN B 159 10.85 31.41 16.48
N PHE B 160 12.17 31.50 16.31
CA PHE B 160 12.95 30.51 15.57
C PHE B 160 14.04 29.87 16.46
N SER B 161 14.55 30.66 17.40
CA SER B 161 15.57 30.18 18.32
C SER B 161 14.99 30.16 19.71
N THR B 162 15.67 29.43 20.59
CA THR B 162 15.29 29.28 21.98
C THR B 162 15.05 30.60 22.74
N MET B 163 13.92 30.68 23.42
CA MET B 163 13.60 31.85 24.24
C MET B 163 12.68 31.35 25.34
N LYS B 164 13.26 31.01 26.48
CA LYS B 164 12.46 30.50 27.57
C LYS B 164 11.58 31.59 28.14
N MET B 165 10.31 31.25 28.26
CA MET B 165 9.25 32.14 28.74
C MET B 165 8.46 31.43 29.82
N ALA B 166 7.84 32.21 30.69
CA ALA B 166 7.01 31.67 31.74
C ALA B 166 5.56 31.84 31.29
N HIS B 167 5.35 32.85 30.45
CA HIS B 167 4.03 33.17 29.91
C HIS B 167 4.21 33.66 28.49
N ALA B 168 3.13 33.69 27.72
CA ALA B 168 3.20 34.15 26.33
C ALA B 168 3.55 35.64 26.35
N PRO B 169 4.17 36.15 25.27
CA PRO B 169 4.53 37.57 25.20
C PRO B 169 3.28 38.43 25.29
N PRO B 170 3.42 39.70 25.72
CA PRO B 170 2.23 40.55 25.82
C PRO B 170 1.41 40.64 24.54
N GLY B 171 0.11 40.83 24.69
CA GLY B 171 -0.78 40.93 23.56
C GLY B 171 -0.86 39.66 22.74
N HIS B 172 -0.24 38.59 23.24
CA HIS B 172 -0.23 37.29 22.58
C HIS B 172 -0.82 36.17 23.45
N HIS B 173 -1.08 35.02 22.84
CA HIS B 173 -1.66 33.89 23.57
C HIS B 173 -0.91 32.58 23.34
N SER B 174 0.18 32.63 22.60
CA SER B 174 0.94 31.42 22.33
C SER B 174 2.23 31.73 21.57
N VAL B 175 3.11 30.75 21.55
CA VAL B 175 4.39 30.88 20.89
C VAL B 175 4.56 29.78 19.86
N ILE B 176 4.96 30.17 18.67
CA ILE B 176 5.18 29.22 17.60
C ILE B 176 6.66 29.21 17.26
N GLY B 177 7.26 28.03 17.33
CA GLY B 177 8.65 27.87 16.98
C GLY B 177 8.64 27.32 15.57
N ARG B 178 9.03 28.14 14.61
CA ARG B 178 9.05 27.74 13.20
C ARG B 178 10.39 27.02 12.91
N PRO B 179 10.39 26.08 11.94
CA PRO B 179 11.57 25.31 11.54
C PRO B 179 12.54 26.19 10.77
N SER B 180 13.82 25.85 10.85
CA SER B 180 14.86 26.61 10.16
C SER B 180 15.91 25.62 9.69
N VAL B 181 16.75 26.03 8.77
CA VAL B 181 17.80 25.16 8.28
C VAL B 181 18.75 24.71 9.40
N ASN B 182 19.05 25.60 10.34
CA ASN B 182 19.97 25.29 11.43
C ASN B 182 19.29 25.26 12.80
N GLY B 183 17.98 25.13 12.78
CA GLY B 183 17.22 25.08 14.02
C GLY B 183 16.28 23.90 13.98
N LEU B 184 15.08 24.13 14.49
CA LEU B 184 14.04 23.10 14.57
C LEU B 184 13.75 22.31 13.29
N ALA B 185 13.58 21.00 13.47
CA ALA B 185 13.26 20.10 12.36
C ALA B 185 11.77 20.23 12.04
N TYR B 186 10.95 20.46 13.07
CA TYR B 186 9.51 20.66 12.89
C TYR B 186 9.10 21.89 13.71
N ALA B 187 7.91 22.43 13.44
CA ALA B 187 7.41 23.58 14.18
C ALA B 187 6.83 23.11 15.52
N GLU B 188 6.89 23.99 16.52
CA GLU B 188 6.36 23.68 17.85
C GLU B 188 5.29 24.72 18.18
N TYR B 189 4.26 24.32 18.91
CA TYR B 189 3.21 25.26 19.29
C TYR B 189 3.16 25.20 20.81
N VAL B 190 3.33 26.35 21.45
CA VAL B 190 3.35 26.40 22.90
C VAL B 190 2.31 27.35 23.51
N ILE B 191 1.68 26.90 24.59
CA ILE B 191 0.70 27.65 25.34
C ILE B 191 1.13 27.61 26.80
N TYR B 192 0.76 28.63 27.57
CA TYR B 192 1.11 28.73 28.98
C TYR B 192 -0.05 28.58 29.99
N ARG B 193 -1.25 28.30 29.49
CA ARG B 193 -2.42 28.09 30.33
C ARG B 193 -3.10 26.83 29.86
N GLY B 194 -3.27 25.84 30.73
CA GLY B 194 -3.87 24.60 30.27
C GLY B 194 -5.20 24.68 29.54
N GLU B 195 -6.12 25.51 30.03
CA GLU B 195 -7.44 25.64 29.41
C GLU B 195 -7.46 26.05 27.94
N GLN B 196 -6.31 26.34 27.35
CA GLN B 196 -6.27 26.71 25.95
C GLN B 196 -6.09 25.48 25.07
N ALA B 197 -6.18 24.31 25.68
CA ALA B 197 -6.02 23.07 24.95
C ALA B 197 -7.00 22.05 25.53
N TYR B 198 -7.77 21.40 24.65
CA TYR B 198 -8.72 20.38 25.07
C TYR B 198 -8.25 19.06 24.47
N PRO B 199 -7.97 18.06 25.34
CA PRO B 199 -7.49 16.74 24.89
C PRO B 199 -8.58 15.90 24.23
N GLU B 200 -9.03 16.39 23.07
CA GLU B 200 -10.10 15.77 22.28
C GLU B 200 -10.04 14.27 22.09
N TYR B 201 -8.94 13.79 21.51
CA TYR B 201 -8.78 12.37 21.20
C TYR B 201 -7.63 11.66 21.89
N LEU B 202 -7.92 10.50 22.45
CA LEU B 202 -6.92 9.67 23.11
C LEU B 202 -6.62 8.51 22.17
N ILE B 203 -5.43 8.53 21.58
CA ILE B 203 -4.98 7.52 20.63
C ILE B 203 -4.06 6.46 21.24
N THR B 204 -4.49 5.19 21.21
CA THR B 204 -3.65 4.10 21.73
C THR B 204 -3.06 3.42 20.50
N TYR B 205 -1.75 3.23 20.48
CA TYR B 205 -1.11 2.67 19.32
C TYR B 205 0.21 1.98 19.61
N GLN B 206 0.86 1.53 18.55
CA GLN B 206 2.15 0.89 18.63
C GLN B 206 2.95 1.36 17.42
N ILE B 207 4.27 1.40 17.54
CA ILE B 207 5.08 1.77 16.40
C ILE B 207 5.43 0.40 15.80
N MET B 208 5.49 0.32 14.47
CA MET B 208 5.79 -0.97 13.85
C MET B 208 7.21 -1.12 13.35
N LYS B 209 7.75 -2.33 13.51
CA LYS B 209 9.09 -2.64 13.03
C LYS B 209 8.98 -2.59 11.51
N PRO B 210 9.82 -1.78 10.84
CA PRO B 210 9.82 -1.64 9.38
C PRO B 210 10.00 -2.95 8.62
N GLU B 211 9.66 -2.93 7.33
CA GLU B 211 9.80 -4.11 6.48
C GLU B 211 10.14 -3.70 5.05
N GLN C 1 18.30 30.80 -22.58
CA GLN C 1 17.43 32.00 -22.38
C GLN C 1 16.04 31.63 -21.86
N GLY C 2 15.69 30.34 -21.94
CA GLY C 2 14.38 29.90 -21.46
C GLY C 2 14.40 28.87 -20.34
N THR C 3 13.26 28.21 -20.13
CA THR C 3 13.15 27.19 -19.10
C THR C 3 13.77 25.90 -19.60
N ILE C 4 14.55 25.28 -18.72
CA ILE C 4 15.22 24.03 -19.01
C ILE C 4 14.64 23.01 -18.04
N LEU C 5 13.99 21.98 -18.58
CA LEU C 5 13.41 20.96 -17.73
C LEU C 5 14.41 19.80 -17.59
N LEU C 6 14.73 19.50 -16.34
CA LEU C 6 15.68 18.44 -16.02
C LEU C 6 14.94 17.22 -15.49
N ASP C 7 15.40 16.03 -15.85
CA ASP C 7 14.75 14.81 -15.39
C ASP C 7 15.32 14.25 -14.11
N LEU C 8 14.44 13.97 -13.16
CA LEU C 8 14.87 13.41 -11.90
C LEU C 8 14.77 11.90 -11.96
N ALA C 9 15.87 11.23 -11.64
CA ALA C 9 15.91 9.77 -11.64
C ALA C 9 15.22 9.29 -10.37
N PRO C 10 14.32 8.31 -10.48
CA PRO C 10 13.63 7.79 -9.31
C PRO C 10 14.54 7.30 -8.19
N GLU C 11 15.73 6.82 -8.55
CA GLU C 11 16.65 6.35 -7.52
C GLU C 11 17.22 7.54 -6.78
N ASP C 12 16.95 8.74 -7.27
CA ASP C 12 17.46 9.95 -6.63
C ASP C 12 16.65 10.31 -5.39
N LYS C 13 17.36 10.80 -4.38
CA LYS C 13 16.75 11.21 -3.12
C LYS C 13 15.81 12.40 -3.33
N GLU C 14 16.17 13.30 -4.25
CA GLU C 14 15.34 14.47 -4.52
C GLU C 14 13.99 14.04 -5.05
N TYR C 15 14.01 13.15 -6.04
CA TYR C 15 12.79 12.61 -6.64
C TYR C 15 11.98 11.97 -5.51
N GLN C 16 12.67 11.17 -4.72
CA GLN C 16 12.07 10.45 -3.60
C GLN C 16 11.49 11.40 -2.58
N SER C 17 12.21 12.48 -2.32
CA SER C 17 11.76 13.48 -1.35
C SER C 17 10.46 14.14 -1.79
N VAL C 18 10.35 14.44 -3.09
CA VAL C 18 9.17 15.10 -3.61
C VAL C 18 7.94 14.20 -3.65
N GLU C 19 8.08 12.99 -4.20
CA GLU C 19 6.94 12.09 -4.26
C GLU C 19 6.41 11.81 -2.87
N GLU C 20 7.30 11.69 -1.90
CA GLU C 20 6.88 11.42 -0.53
C GLU C 20 6.00 12.52 0.04
N GLU C 21 6.33 13.76 -0.30
CA GLU C 21 5.56 14.89 0.18
C GLU C 21 4.20 14.85 -0.50
N MET C 22 4.22 14.71 -1.81
CA MET C 22 2.99 14.61 -2.58
C MET C 22 2.10 13.47 -2.07
N GLN C 23 2.70 12.32 -1.79
CA GLN C 23 1.96 11.15 -1.31
C GLN C 23 1.41 11.31 0.11
N SER C 24 2.29 11.60 1.06
CA SER C 24 1.88 11.75 2.45
C SER C 24 0.93 12.90 2.77
N THR C 25 0.96 13.98 1.99
CA THR C 25 0.06 15.08 2.30
C THR C 25 -1.32 14.82 1.73
N ILE C 26 -1.53 13.63 1.19
CA ILE C 26 -2.83 13.29 0.66
C ILE C 26 -3.81 13.13 1.83
N ARG C 27 -5.04 13.59 1.62
CA ARG C 27 -6.11 13.41 2.61
C ARG C 27 -7.33 12.87 1.87
N GLU C 28 -8.10 12.03 2.55
CA GLU C 28 -9.29 11.44 1.95
C GLU C 28 -10.49 11.71 2.84
N HIS C 29 -10.23 12.05 4.10
CA HIS C 29 -11.32 12.25 5.05
C HIS C 29 -11.46 13.68 5.61
N ARG C 30 -11.13 14.66 4.79
CA ARG C 30 -11.22 16.06 5.14
C ARG C 30 -12.22 16.74 4.21
N ASP C 31 -12.10 16.39 2.92
CA ASP C 31 -12.92 16.95 1.85
C ASP C 31 -14.00 16.01 1.34
N GLY C 32 -14.98 16.60 0.66
CA GLY C 32 -16.10 15.84 0.12
C GLY C 32 -16.41 16.25 -1.31
N ALA C 35 -14.54 16.01 -5.86
CA ALA C 35 -14.07 17.17 -6.61
C ALA C 35 -12.92 16.83 -7.56
N GLY C 36 -11.99 15.98 -7.11
CA GLY C 36 -10.86 15.62 -7.95
C GLY C 36 -10.70 14.12 -8.16
N GLY C 37 -11.49 13.33 -7.44
CA GLY C 37 -11.41 11.89 -7.58
C GLY C 37 -11.34 11.14 -6.26
N ILE C 38 -11.52 9.84 -6.34
CA ILE C 38 -11.47 8.97 -5.17
C ILE C 38 -10.16 8.21 -5.22
N PHE C 39 -9.30 8.43 -4.22
CA PHE C 39 -7.99 7.79 -4.20
C PHE C 39 -7.26 8.03 -2.88
N ASN C 40 -6.13 7.37 -2.72
CA ASN C 40 -5.30 7.50 -1.52
C ASN C 40 -3.83 7.40 -1.88
N ARG C 41 -3.55 7.29 -3.16
CA ARG C 41 -2.19 7.17 -3.66
C ARG C 41 -2.09 7.67 -5.11
N TYR C 42 -0.93 8.18 -5.49
CA TYR C 42 -0.72 8.65 -6.85
C TYR C 42 0.27 7.70 -7.52
N ASN C 43 0.25 7.66 -8.84
CA ASN C 43 1.25 6.87 -9.54
C ASN C 43 2.13 7.95 -10.15
N VAL C 44 3.27 8.20 -9.52
CA VAL C 44 4.15 9.22 -10.03
C VAL C 44 4.87 8.71 -11.25
N ILE C 45 4.48 9.24 -12.41
CA ILE C 45 5.07 8.85 -13.68
C ILE C 45 6.38 9.57 -13.91
N ARG C 46 6.38 10.88 -13.66
CA ARG C 46 7.57 11.69 -13.91
C ARG C 46 7.64 12.93 -13.00
N ILE C 47 8.85 13.39 -12.72
CA ILE C 47 9.08 14.60 -11.93
C ILE C 47 10.23 15.36 -12.59
N GLN C 48 9.96 16.57 -13.04
CA GLN C 48 10.99 17.36 -13.70
C GLN C 48 11.28 18.64 -12.92
N LYS C 49 12.56 18.97 -12.79
CA LYS C 49 12.94 20.17 -12.08
C LYS C 49 12.98 21.33 -13.05
N VAL C 50 12.23 22.39 -12.75
CA VAL C 50 12.17 23.55 -13.63
C VAL C 50 13.33 24.52 -13.37
N VAL C 51 14.05 24.86 -14.43
CA VAL C 51 15.17 25.78 -14.32
C VAL C 51 15.01 26.94 -15.28
N ASN C 52 14.88 28.14 -14.72
CA ASN C 52 14.75 29.33 -15.55
C ASN C 52 15.48 30.46 -14.81
N LYS C 53 16.45 31.04 -15.50
CA LYS C 53 17.28 32.09 -14.90
C LYS C 53 16.61 33.41 -14.54
N LYS C 54 15.81 33.98 -15.44
CA LYS C 54 15.19 35.25 -15.11
C LYS C 54 14.05 35.08 -14.13
N LEU C 55 13.44 33.89 -14.12
CA LEU C 55 12.36 33.64 -13.17
C LEU C 55 12.97 33.56 -11.79
N ARG C 56 14.10 32.87 -11.67
CA ARG C 56 14.79 32.70 -10.39
C ARG C 56 15.27 34.03 -9.86
N GLU C 57 15.68 34.92 -10.77
CA GLU C 57 16.17 36.24 -10.39
C GLU C 57 15.05 37.08 -9.80
N ARG C 58 13.88 37.05 -10.42
CA ARG C 58 12.73 37.82 -9.92
C ARG C 58 12.35 37.31 -8.54
N PHE C 59 12.24 35.99 -8.44
CA PHE C 59 11.89 35.35 -7.19
C PHE C 59 12.90 35.72 -6.09
N CYS C 60 14.18 35.55 -6.38
CA CYS C 60 15.19 35.88 -5.39
C CYS C 60 15.20 37.37 -5.04
N HIS C 61 15.05 38.24 -6.03
CA HIS C 61 15.04 39.67 -5.80
C HIS C 61 13.89 39.99 -4.85
N ARG C 62 12.70 39.53 -5.19
CA ARG C 62 11.53 39.76 -4.35
C ARG C 62 11.75 39.18 -2.97
N GLN C 63 12.41 38.03 -2.92
CA GLN C 63 12.66 37.38 -1.63
C GLN C 63 13.44 38.22 -0.63
N LYS C 64 14.33 39.10 -1.10
CA LYS C 64 15.11 39.96 -0.20
C LYS C 64 14.24 41.08 0.37
N GLU C 65 13.35 41.60 -0.47
CA GLU C 65 12.48 42.68 -0.02
C GLU C 65 11.57 42.20 1.09
N VAL C 66 10.98 41.03 0.87
CA VAL C 66 10.08 40.43 1.86
C VAL C 66 10.86 40.20 3.14
N SER C 67 12.08 39.70 2.97
CA SER C 67 12.95 39.43 4.09
C SER C 67 13.23 40.72 4.88
N GLU C 68 13.50 41.82 4.17
CA GLU C 68 13.77 43.10 4.82
C GLU C 68 12.54 43.54 5.59
N GLU C 69 11.36 43.28 5.03
CA GLU C 69 10.13 43.71 5.69
C GLU C 69 9.62 42.78 6.78
N ASN C 70 10.08 41.55 6.81
CA ASN C 70 9.62 40.60 7.83
C ASN C 70 10.71 40.15 8.79
N HIS C 71 11.52 41.11 9.27
CA HIS C 71 12.60 40.81 10.23
C HIS C 71 13.58 39.74 9.73
N ASN C 72 14.01 39.88 8.49
CA ASN C 72 14.97 38.97 7.88
C ASN C 72 14.55 37.52 7.76
N HIS C 73 13.24 37.31 7.64
CA HIS C 73 12.67 35.98 7.47
C HIS C 73 11.74 36.04 6.26
N HIS C 74 12.13 35.44 5.14
CA HIS C 74 11.24 35.48 3.98
C HIS C 74 10.19 34.38 4.06
N ASN C 75 10.33 33.53 5.08
CA ASN C 75 9.40 32.42 5.36
C ASN C 75 8.99 31.68 4.09
N GLU C 76 9.94 30.97 3.49
CA GLU C 76 9.67 30.20 2.29
C GLU C 76 9.11 28.84 2.63
N ARG C 77 8.13 28.41 1.85
CA ARG C 77 7.48 27.13 2.07
C ARG C 77 7.19 26.40 0.75
N MET C 78 7.40 25.08 0.76
CA MET C 78 7.15 24.29 -0.43
C MET C 78 5.66 23.95 -0.48
N LEU C 79 4.97 24.52 -1.45
CA LEU C 79 3.54 24.31 -1.60
C LEU C 79 3.14 23.76 -2.96
N PHE C 80 1.97 23.14 -3.02
CA PHE C 80 1.46 22.58 -4.26
C PHE C 80 0.53 23.54 -4.97
N HIS C 81 0.50 23.42 -6.30
CA HIS C 81 -0.37 24.25 -7.11
C HIS C 81 -0.84 23.53 -8.36
N GLY C 82 -2.14 23.61 -8.58
CA GLY C 82 -2.74 22.98 -9.75
C GLY C 82 -3.63 24.00 -10.43
N SER C 83 -3.70 23.94 -11.76
CA SER C 83 -4.52 24.86 -12.54
C SER C 83 -4.27 24.53 -14.01
N PRO C 84 -5.14 25.02 -14.90
CA PRO C 84 -4.98 24.75 -16.34
C PRO C 84 -3.87 25.56 -17.00
N PHE C 85 -3.05 26.24 -16.22
CA PHE C 85 -1.98 27.07 -16.79
C PHE C 85 -0.57 26.67 -16.45
N ILE C 86 -0.39 25.41 -16.10
CA ILE C 86 0.91 24.89 -15.71
C ILE C 86 2.01 25.11 -16.75
N ASN C 87 1.78 24.71 -18.00
CA ASN C 87 2.79 24.87 -19.04
C ASN C 87 3.22 26.32 -19.22
N ALA C 88 2.28 27.25 -19.09
CA ALA C 88 2.60 28.65 -19.24
C ALA C 88 3.41 29.09 -18.02
N ILE C 89 3.01 28.59 -16.86
CA ILE C 89 3.68 28.94 -15.62
C ILE C 89 5.13 28.52 -15.61
N ILE C 90 5.44 27.33 -16.11
CA ILE C 90 6.82 26.89 -16.08
C ILE C 90 7.73 27.61 -17.06
N HIS C 91 7.15 28.32 -18.03
CA HIS C 91 7.93 29.05 -19.00
C HIS C 91 7.95 30.54 -18.73
N LYS C 92 6.83 31.06 -18.23
CA LYS C 92 6.71 32.49 -17.97
C LYS C 92 6.71 32.85 -16.50
N GLY C 93 6.62 31.84 -15.66
CA GLY C 93 6.59 32.07 -14.23
C GLY C 93 5.22 32.55 -13.84
N PHE C 94 4.93 32.54 -12.55
CA PHE C 94 3.65 33.01 -12.06
C PHE C 94 3.48 34.50 -12.37
N ASP C 95 2.26 34.89 -12.73
CA ASP C 95 1.93 36.27 -13.06
C ASP C 95 0.57 36.63 -12.48
N GLU C 96 0.55 37.52 -11.48
CA GLU C 96 -0.69 37.93 -10.85
C GLU C 96 -1.65 38.64 -11.79
N ARG C 97 -1.19 38.95 -13.00
CA ARG C 97 -2.06 39.58 -13.98
C ARG C 97 -3.01 38.48 -14.50
N HIS C 98 -2.64 37.22 -14.25
CA HIS C 98 -3.45 36.05 -14.64
C HIS C 98 -3.94 35.38 -13.36
N ALA C 99 -4.15 36.17 -12.32
CA ALA C 99 -4.58 35.63 -11.04
C ALA C 99 -6.03 35.16 -11.09
N TYR C 100 -6.37 34.27 -10.16
CA TYR C 100 -7.70 33.70 -10.04
C TYR C 100 -8.56 34.71 -9.30
N ILE C 101 -9.29 35.55 -10.02
CA ILE C 101 -10.12 36.54 -9.35
C ILE C 101 -11.24 35.91 -8.52
N GLY C 102 -11.80 34.83 -9.02
CA GLY C 102 -12.88 34.19 -8.29
C GLY C 102 -12.48 33.47 -7.02
N GLY C 103 -11.28 33.73 -6.52
CA GLY C 103 -10.83 33.07 -5.31
C GLY C 103 -11.45 33.57 -4.00
N MET C 104 -11.41 32.71 -2.99
CA MET C 104 -11.97 33.03 -1.68
C MET C 104 -11.32 34.26 -1.06
N PHE C 105 -10.09 34.54 -1.47
CA PHE C 105 -9.35 35.66 -0.94
C PHE C 105 -8.92 36.62 -2.04
N GLY C 106 -9.76 36.74 -3.05
CA GLY C 106 -9.48 37.67 -4.13
C GLY C 106 -8.54 37.23 -5.23
N ALA C 107 -8.20 38.18 -6.09
CA ALA C 107 -7.32 37.97 -7.23
C ALA C 107 -5.88 37.68 -6.83
N GLY C 108 -5.65 36.45 -6.40
CA GLY C 108 -4.31 36.02 -6.00
C GLY C 108 -3.96 34.71 -6.67
N ILE C 109 -2.85 34.12 -6.23
CA ILE C 109 -2.37 32.84 -6.76
C ILE C 109 -2.47 31.86 -5.59
N TYR C 110 -3.27 30.81 -5.77
CA TYR C 110 -3.52 29.83 -4.71
C TYR C 110 -2.69 28.56 -4.66
N PHE C 111 -2.26 28.22 -3.44
CA PHE C 111 -1.46 27.04 -3.19
C PHE C 111 -2.03 26.26 -1.98
N ALA C 112 -1.72 24.97 -1.92
CA ALA C 112 -2.15 24.11 -0.82
C ALA C 112 -0.92 23.39 -0.29
N GLU C 113 -0.98 22.94 0.96
CA GLU C 113 0.12 22.19 1.54
C GLU C 113 -0.18 20.71 1.28
N ASN C 114 -1.43 20.44 0.95
CA ASN C 114 -1.91 19.10 0.66
C ASN C 114 -2.09 18.89 -0.85
N SER C 115 -1.30 18.01 -1.43
CA SER C 115 -1.39 17.72 -2.86
C SER C 115 -2.80 17.36 -3.30
N SER C 116 -3.56 16.67 -2.45
CA SER C 116 -4.91 16.29 -2.82
C SER C 116 -5.81 17.49 -3.02
N LYS C 117 -5.52 18.60 -2.35
CA LYS C 117 -6.33 19.82 -2.50
C LYS C 117 -6.06 20.41 -3.88
N SER C 118 -4.79 20.46 -4.26
CA SER C 118 -4.39 21.00 -5.54
C SER C 118 -4.81 20.09 -6.71
N ASN C 119 -4.82 18.78 -6.49
CA ASN C 119 -5.22 17.84 -7.53
C ASN C 119 -6.64 18.18 -7.98
N GLN C 120 -7.41 18.80 -7.10
CA GLN C 120 -8.80 19.15 -7.39
C GLN C 120 -8.98 20.15 -8.53
N TYR C 121 -7.97 21.00 -8.72
CA TYR C 121 -8.03 22.05 -9.73
C TYR C 121 -7.28 21.77 -11.01
N VAL C 122 -6.73 20.57 -11.14
CA VAL C 122 -6.00 20.23 -12.34
C VAL C 122 -6.85 20.45 -13.59
N TYR C 123 -8.15 20.65 -13.42
CA TYR C 123 -9.04 20.87 -14.55
C TYR C 123 -9.92 22.13 -14.44
N GLY C 124 -9.94 22.76 -13.27
CA GLY C 124 -10.73 23.97 -13.11
C GLY C 124 -11.89 23.87 -12.13
N HIS C 134 -13.45 12.44 -21.31
CA HIS C 134 -14.39 11.59 -20.58
C HIS C 134 -15.12 12.42 -19.52
N LYS C 135 -14.89 13.74 -19.56
CA LYS C 135 -15.51 14.65 -18.60
C LYS C 135 -15.73 13.88 -17.30
N ASP C 136 -14.62 13.41 -16.71
CA ASP C 136 -14.68 12.67 -15.46
C ASP C 136 -13.60 13.20 -14.53
N ARG C 137 -14.04 13.83 -13.44
CA ARG C 137 -13.12 14.41 -12.47
C ARG C 137 -12.28 13.33 -11.81
N SER C 138 -12.70 12.07 -11.95
CA SER C 138 -11.95 10.98 -11.34
C SER C 138 -11.35 9.98 -12.34
N CYS C 139 -11.05 10.40 -13.58
CA CYS C 139 -10.46 9.45 -14.52
C CYS C 139 -9.16 8.95 -13.91
N TYR C 140 -8.90 7.66 -14.08
CA TYR C 140 -7.69 7.06 -13.53
C TYR C 140 -6.66 6.83 -14.62
N ILE C 141 -7.06 7.05 -15.86
CA ILE C 141 -6.15 6.85 -16.98
C ILE C 141 -5.37 8.11 -17.31
N CYS C 142 -6.08 9.20 -17.54
CA CYS C 142 -5.46 10.46 -17.89
C CYS C 142 -4.27 10.86 -17.02
N HIS C 143 -3.27 11.44 -17.66
CA HIS C 143 -2.09 11.90 -16.96
C HIS C 143 -2.44 13.27 -16.44
N ARG C 144 -1.94 13.58 -15.26
CA ARG C 144 -2.20 14.85 -14.65
C ARG C 144 -0.87 15.51 -14.35
N GLN C 145 -0.90 16.83 -14.24
CA GLN C 145 0.30 17.59 -13.92
C GLN C 145 0.00 18.58 -12.82
N MET C 146 0.92 18.73 -11.87
CA MET C 146 0.76 19.73 -10.82
C MET C 146 2.15 20.22 -10.45
N LEU C 147 2.22 21.36 -9.76
CA LEU C 147 3.49 21.91 -9.35
C LEU C 147 3.72 21.82 -7.86
N PHE C 148 4.99 21.81 -7.48
CA PHE C 148 5.41 21.79 -6.09
C PHE C 148 6.36 22.96 -6.15
N CYS C 149 5.95 24.07 -5.57
CA CYS C 149 6.76 25.27 -5.64
C CYS C 149 7.28 25.89 -4.35
N ARG C 150 8.27 26.74 -4.51
CA ARG C 150 8.85 27.49 -3.41
C ARG C 150 7.88 28.65 -3.31
N VAL C 151 7.44 28.97 -2.11
CA VAL C 151 6.51 30.08 -1.94
C VAL C 151 6.96 31.01 -0.82
N THR C 152 7.14 32.27 -1.18
CA THR C 152 7.56 33.27 -0.22
C THR C 152 6.34 33.86 0.44
N LEU C 153 6.04 33.36 1.64
CA LEU C 153 4.88 33.83 2.38
C LEU C 153 5.15 35.10 3.18
N GLY C 154 6.41 35.36 3.50
CA GLY C 154 6.74 36.53 4.28
C GLY C 154 5.89 36.54 5.54
N LYS C 155 5.33 37.69 5.87
CA LYS C 155 4.48 37.77 7.04
C LYS C 155 3.08 37.39 6.57
N SER C 156 2.57 36.27 7.04
CA SER C 156 1.25 35.80 6.65
C SER C 156 0.10 36.44 7.41
N PHE C 157 -1.01 36.60 6.73
CA PHE C 157 -2.20 37.16 7.35
C PHE C 157 -3.23 36.03 7.43
N LEU C 158 -3.53 35.59 8.65
CA LEU C 158 -4.48 34.50 8.87
C LEU C 158 -5.95 34.87 8.77
N GLN C 159 -6.68 34.06 8.00
CA GLN C 159 -8.12 34.21 7.79
C GLN C 159 -8.76 32.85 7.93
N PHE C 160 -10.06 32.83 8.20
CA PHE C 160 -10.76 31.56 8.35
C PHE C 160 -12.04 31.61 7.54
N SER C 161 -12.30 32.79 6.97
CA SER C 161 -13.50 33.05 6.20
C SER C 161 -13.25 33.97 5.01
N THR C 162 -14.09 33.84 4.00
CA THR C 162 -13.97 34.65 2.78
C THR C 162 -13.73 36.13 2.95
N MET C 163 -12.80 36.65 2.16
CA MET C 163 -12.49 38.07 2.12
C MET C 163 -11.67 38.30 0.87
N LYS C 164 -12.28 38.93 -0.12
CA LYS C 164 -11.61 39.18 -1.39
C LYS C 164 -10.69 40.39 -1.30
N MET C 165 -9.45 40.18 -1.70
CA MET C 165 -8.42 41.19 -1.66
C MET C 165 -7.75 41.26 -3.01
N ALA C 166 -7.22 42.43 -3.33
CA ALA C 166 -6.52 42.63 -4.59
C ALA C 166 -5.03 42.49 -4.28
N HIS C 167 -4.68 42.79 -3.04
CA HIS C 167 -3.29 42.73 -2.58
C HIS C 167 -3.26 42.26 -1.13
N ALA C 168 -2.09 41.81 -0.69
CA ALA C 168 -1.94 41.36 0.69
C ALA C 168 -2.19 42.53 1.62
N PRO C 169 -2.71 42.28 2.83
CA PRO C 169 -2.97 43.35 3.79
C PRO C 169 -1.68 44.13 4.07
N PRO C 170 -1.78 45.43 4.35
CA PRO C 170 -0.59 46.23 4.63
C PRO C 170 0.30 45.49 5.61
N GLY C 171 1.61 45.61 5.44
CA GLY C 171 2.53 44.95 6.36
C GLY C 171 2.62 43.43 6.21
N HIS C 172 1.78 42.84 5.37
CA HIS C 172 1.82 41.40 5.17
C HIS C 172 2.23 41.07 3.74
N HIS C 173 2.56 39.80 3.50
CA HIS C 173 3.00 39.41 2.18
C HIS C 173 2.20 38.23 1.62
N SER C 174 1.29 37.70 2.44
CA SER C 174 0.48 36.56 2.04
C SER C 174 -0.78 36.42 2.88
N VAL C 175 -1.68 35.56 2.43
CA VAL C 175 -2.94 35.31 3.13
C VAL C 175 -3.10 33.79 3.32
N ILE C 176 -3.45 33.39 4.54
CA ILE C 176 -3.64 31.99 4.83
C ILE C 176 -5.05 31.70 5.31
N GLY C 177 -5.77 30.91 4.53
CA GLY C 177 -7.11 30.52 4.92
C GLY C 177 -6.91 29.19 5.64
N ARG C 178 -7.26 29.13 6.91
CA ARG C 178 -7.08 27.87 7.63
C ARG C 178 -8.36 27.04 7.82
N PRO C 179 -8.21 25.72 7.83
CA PRO C 179 -9.32 24.76 7.99
C PRO C 179 -10.14 25.08 9.24
N SER C 180 -11.43 24.78 9.18
CA SER C 180 -12.38 25.07 10.27
C SER C 180 -13.66 24.21 10.13
N VAL C 181 -14.25 23.77 11.24
CA VAL C 181 -15.45 22.92 11.18
C VAL C 181 -16.45 23.37 10.11
N ASN C 182 -17.10 24.50 10.35
CA ASN C 182 -18.05 25.00 9.35
C ASN C 182 -17.23 25.73 8.29
N GLY C 183 -15.91 25.72 8.49
CA GLY C 183 -15.01 26.41 7.57
C GLY C 183 -14.30 25.46 6.63
N LEU C 184 -13.14 25.91 6.14
CA LEU C 184 -12.33 25.17 5.18
C LEU C 184 -11.93 23.76 5.61
N ALA C 185 -11.81 22.88 4.61
CA ALA C 185 -11.41 21.50 4.84
C ALA C 185 -9.90 21.42 4.78
N TYR C 186 -9.30 22.26 3.95
CA TYR C 186 -7.85 22.33 3.79
C TYR C 186 -7.31 23.73 4.07
N ALA C 187 -6.04 23.81 4.41
CA ALA C 187 -5.40 25.09 4.63
C ALA C 187 -5.01 25.52 3.24
N GLU C 188 -5.15 26.80 2.93
CA GLU C 188 -4.77 27.31 1.62
C GLU C 188 -3.97 28.60 1.75
N TYR C 189 -2.93 28.75 0.94
CA TYR C 189 -2.07 29.93 1.00
C TYR C 189 -2.24 30.77 -0.26
N VAL C 190 -2.28 32.09 -0.08
CA VAL C 190 -2.45 33.00 -1.19
C VAL C 190 -1.37 34.07 -1.24
N ILE C 191 -0.90 34.37 -2.45
CA ILE C 191 0.10 35.43 -2.68
C ILE C 191 -0.50 36.25 -3.81
N TYR C 192 -0.18 37.54 -3.84
CA TYR C 192 -0.74 38.42 -4.87
C TYR C 192 0.30 38.98 -5.83
N ARG C 193 1.44 38.29 -5.87
CA ARG C 193 2.57 38.65 -6.72
C ARG C 193 3.21 37.38 -7.28
N GLY C 194 3.24 37.24 -8.60
CA GLY C 194 3.85 36.06 -9.19
C GLY C 194 5.28 35.83 -8.74
N GLU C 195 6.05 36.91 -8.63
CA GLU C 195 7.45 36.81 -8.23
C GLU C 195 7.65 36.23 -6.82
N GLN C 196 6.55 35.96 -6.11
CA GLN C 196 6.64 35.39 -4.78
C GLN C 196 6.50 33.86 -4.73
N ALA C 197 6.71 33.21 -5.87
CA ALA C 197 6.65 31.75 -5.96
C ALA C 197 7.51 31.28 -7.13
N TYR C 198 8.10 30.10 -6.97
CA TYR C 198 8.95 29.52 -8.03
C TYR C 198 8.50 28.09 -8.30
N PRO C 199 8.13 27.79 -9.56
CA PRO C 199 7.68 26.44 -9.94
C PRO C 199 8.80 25.40 -9.98
N GLU C 200 9.37 25.10 -8.82
CA GLU C 200 10.48 24.14 -8.70
C GLU C 200 10.34 22.79 -9.37
N TYR C 201 9.20 22.14 -9.20
CA TYR C 201 9.02 20.81 -9.78
C TYR C 201 7.74 20.62 -10.56
N LEU C 202 7.87 19.97 -11.71
CA LEU C 202 6.74 19.66 -12.56
C LEU C 202 6.55 18.16 -12.35
N ILE C 203 5.38 17.78 -11.86
CA ILE C 203 5.08 16.38 -11.59
C ILE C 203 4.00 15.86 -12.50
N THR C 204 4.31 14.82 -13.28
CA THR C 204 3.31 14.21 -14.16
C THR C 204 2.84 12.95 -13.43
N TYR C 205 1.53 12.73 -13.35
CA TYR C 205 1.00 11.59 -12.61
C TYR C 205 -0.43 11.18 -12.95
N GLN C 206 -0.93 10.20 -12.20
CA GLN C 206 -2.30 9.70 -12.34
C GLN C 206 -2.78 9.36 -10.92
N ILE C 207 -4.07 9.51 -10.65
CA ILE C 207 -4.58 9.14 -9.33
C ILE C 207 -4.86 7.65 -9.46
N MET C 208 -4.51 6.87 -8.43
CA MET C 208 -4.71 5.43 -8.46
C MET C 208 -6.00 4.95 -7.79
N LYS C 209 -6.71 4.07 -8.48
CA LYS C 209 -7.98 3.57 -7.94
C LYS C 209 -7.80 2.80 -6.63
N PRO C 210 -8.59 3.18 -5.60
CA PRO C 210 -8.55 2.56 -4.29
C PRO C 210 -8.68 1.03 -4.30
N GLU C 211 -7.73 0.36 -3.65
CA GLU C 211 -7.69 -1.11 -3.58
C GLU C 211 -8.75 -1.72 -2.65
N GLN D 1 17.25 -18.03 -20.35
CA GLN D 1 16.25 -19.09 -20.13
C GLN D 1 14.91 -18.64 -20.66
N GLY D 2 14.62 -17.36 -20.47
CA GLY D 2 13.34 -16.84 -20.94
C GLY D 2 13.44 -15.78 -22.01
N THR D 3 12.34 -15.06 -22.19
CA THR D 3 12.28 -14.00 -23.17
C THR D 3 12.98 -12.73 -22.69
N ILE D 4 13.71 -12.11 -23.59
CA ILE D 4 14.40 -10.87 -23.32
C ILE D 4 13.78 -9.86 -24.28
N LEU D 5 13.33 -8.73 -23.75
CA LEU D 5 12.74 -7.70 -24.57
C LEU D 5 13.73 -6.58 -24.79
N LEU D 6 14.10 -6.38 -26.04
CA LEU D 6 15.06 -5.35 -26.43
C LEU D 6 14.35 -4.13 -27.01
N ASP D 7 14.68 -2.95 -26.48
CA ASP D 7 14.08 -1.70 -26.94
C ASP D 7 14.71 -1.19 -28.23
N LEU D 8 13.87 -0.73 -29.16
CA LEU D 8 14.34 -0.19 -30.43
C LEU D 8 14.17 1.32 -30.45
N ALA D 9 15.27 2.03 -30.71
CA ALA D 9 15.29 3.49 -30.74
C ALA D 9 14.55 4.03 -31.96
N PRO D 10 13.74 5.07 -31.78
CA PRO D 10 13.01 5.64 -32.91
C PRO D 10 13.86 6.09 -34.09
N GLU D 11 15.17 6.16 -33.90
CA GLU D 11 16.03 6.56 -35.01
C GLU D 11 16.55 5.34 -35.75
N ASP D 12 16.38 4.18 -35.13
CA ASP D 12 16.81 2.91 -35.72
C ASP D 12 16.03 2.73 -37.03
N LYS D 13 16.68 2.17 -38.04
CA LYS D 13 16.03 1.93 -39.32
C LYS D 13 14.98 0.82 -39.20
N GLU D 14 15.24 -0.15 -38.32
CA GLU D 14 14.36 -1.29 -38.10
C GLU D 14 13.09 -0.85 -37.37
N TYR D 15 13.27 -0.03 -36.35
CA TYR D 15 12.13 0.50 -35.63
C TYR D 15 11.30 1.19 -36.70
N GLN D 16 11.97 1.97 -37.53
CA GLN D 16 11.30 2.72 -38.61
C GLN D 16 10.70 1.82 -39.66
N SER D 17 11.28 0.64 -39.86
CA SER D 17 10.72 -0.24 -40.85
C SER D 17 9.37 -0.79 -40.38
N VAL D 18 9.27 -1.07 -39.08
CA VAL D 18 8.05 -1.62 -38.48
C VAL D 18 6.88 -0.65 -38.37
N GLU D 19 7.13 0.58 -37.93
CA GLU D 19 6.04 1.54 -37.84
C GLU D 19 5.51 1.80 -39.26
N GLU D 20 6.43 2.02 -40.19
CA GLU D 20 6.04 2.26 -41.57
C GLU D 20 5.06 1.18 -42.05
N GLU D 21 5.35 -0.08 -41.71
CA GLU D 21 4.46 -1.16 -42.12
C GLU D 21 3.14 -0.99 -41.35
N MET D 22 3.24 -0.85 -40.04
CA MET D 22 2.05 -0.67 -39.21
C MET D 22 1.15 0.48 -39.68
N GLN D 23 1.77 1.62 -40.01
CA GLN D 23 1.06 2.81 -40.45
C GLN D 23 0.42 2.69 -41.84
N SER D 24 1.22 2.28 -42.83
CA SER D 24 0.71 2.18 -44.20
C SER D 24 -0.34 1.11 -44.47
N THR D 25 -0.31 0.00 -43.72
CA THR D 25 -1.28 -1.05 -43.96
C THR D 25 -2.62 -0.75 -43.29
N ILE D 26 -2.75 0.47 -42.79
CA ILE D 26 -4.00 0.91 -42.17
C ILE D 26 -5.03 1.15 -43.27
N ARG D 27 -6.27 0.77 -43.01
CA ARG D 27 -7.38 1.00 -43.92
C ARG D 27 -8.54 1.61 -43.14
N GLU D 28 -9.32 2.47 -43.77
CA GLU D 28 -10.44 3.11 -43.09
C GLU D 28 -11.70 2.96 -43.94
N HIS D 29 -11.51 2.63 -45.22
CA HIS D 29 -12.63 2.54 -46.15
C HIS D 29 -12.96 1.16 -46.74
N ARG D 30 -13.01 0.12 -45.92
CA ARG D 30 -13.39 -1.20 -46.41
C ARG D 30 -14.22 -1.99 -45.42
N ASN D 34 -15.41 0.23 -36.37
CA ASN D 34 -16.29 0.16 -35.20
C ASN D 34 -15.69 -0.83 -34.23
N ALA D 35 -15.13 -1.88 -34.80
CA ALA D 35 -14.52 -2.92 -33.99
C ALA D 35 -13.37 -2.32 -33.19
N GLY D 36 -12.52 -1.55 -33.85
CA GLY D 36 -11.37 -0.98 -33.15
C GLY D 36 -11.32 0.52 -32.94
N GLY D 37 -12.32 1.23 -33.45
CA GLY D 37 -12.33 2.68 -33.28
C GLY D 37 -12.04 3.47 -34.55
N ILE D 38 -12.29 4.77 -34.48
CA ILE D 38 -12.08 5.65 -35.62
C ILE D 38 -10.70 6.27 -35.57
N PHE D 39 -9.99 6.21 -36.71
CA PHE D 39 -8.64 6.75 -36.77
C PHE D 39 -8.05 6.51 -38.15
N ASN D 40 -6.94 7.18 -38.43
CA ASN D 40 -6.28 7.01 -39.71
C ASN D 40 -4.77 6.90 -39.52
N ARG D 41 -4.32 6.98 -38.27
CA ARG D 41 -2.90 6.88 -37.97
C ARG D 41 -2.70 6.49 -36.50
N TYR D 42 -1.55 5.89 -36.20
CA TYR D 42 -1.24 5.50 -34.83
C TYR D 42 -0.17 6.41 -34.26
N ASN D 43 -0.10 6.42 -32.93
CA ASN D 43 0.94 7.16 -32.24
C ASN D 43 1.80 6.04 -31.66
N VAL D 44 2.87 5.69 -32.35
CA VAL D 44 3.73 4.62 -31.88
C VAL D 44 4.53 5.05 -30.66
N ILE D 45 4.09 4.57 -29.51
CA ILE D 45 4.74 4.87 -28.24
C ILE D 45 6.01 4.06 -28.05
N ARG D 46 5.93 2.76 -28.27
CA ARG D 46 7.09 1.89 -28.09
C ARG D 46 7.13 0.65 -28.98
N ILE D 47 8.34 0.21 -29.31
CA ILE D 47 8.55 -0.99 -30.13
C ILE D 47 9.67 -1.82 -29.49
N GLN D 48 9.35 -3.07 -29.15
CA GLN D 48 10.33 -3.96 -28.53
C GLN D 48 10.54 -5.27 -29.31
N LYS D 49 11.80 -5.66 -29.51
CA LYS D 49 12.12 -6.90 -30.19
C LYS D 49 12.14 -8.01 -29.16
N VAL D 50 11.50 -9.12 -29.50
CA VAL D 50 11.41 -10.26 -28.60
C VAL D 50 12.46 -11.31 -28.92
N VAL D 51 13.24 -11.71 -27.92
CA VAL D 51 14.26 -12.72 -28.13
C VAL D 51 14.15 -13.84 -27.12
N ASN D 52 13.82 -15.02 -27.62
CA ASN D 52 13.70 -16.20 -26.79
C ASN D 52 14.31 -17.34 -27.60
N LYS D 53 15.35 -17.94 -27.04
CA LYS D 53 16.08 -19.03 -27.67
C LYS D 53 15.21 -20.25 -27.95
N LYS D 54 14.43 -20.68 -26.97
CA LYS D 54 13.56 -21.83 -27.19
C LYS D 54 12.52 -21.56 -28.28
N LEU D 55 11.85 -20.43 -28.20
CA LEU D 55 10.86 -20.09 -29.21
C LEU D 55 11.47 -20.12 -30.59
N ARG D 56 12.66 -19.53 -30.74
CA ARG D 56 13.33 -19.49 -32.03
C ARG D 56 13.65 -20.87 -32.53
N GLU D 57 14.12 -21.75 -31.65
CA GLU D 57 14.43 -23.11 -32.07
C GLU D 57 13.17 -23.83 -32.57
N ARG D 58 12.07 -23.69 -31.84
CA ARG D 58 10.81 -24.33 -32.24
C ARG D 58 10.33 -23.79 -33.58
N PHE D 59 10.34 -22.47 -33.72
CA PHE D 59 9.92 -21.84 -34.95
C PHE D 59 10.81 -22.31 -36.09
N CYS D 60 12.12 -22.22 -35.86
CA CYS D 60 13.06 -22.62 -36.88
C CYS D 60 13.00 -24.11 -37.21
N HIS D 61 12.79 -24.96 -36.22
CA HIS D 61 12.71 -26.40 -36.49
C HIS D 61 11.49 -26.73 -37.34
N ARG D 62 10.35 -26.14 -37.00
CA ARG D 62 9.13 -26.39 -37.78
C ARG D 62 9.28 -25.80 -39.18
N GLN D 63 9.95 -24.66 -39.27
CA GLN D 63 10.11 -24.03 -40.57
C GLN D 63 10.83 -24.94 -41.58
N LYS D 64 11.79 -25.74 -41.10
CA LYS D 64 12.51 -26.64 -42.00
C LYS D 64 11.64 -27.76 -42.54
N GLU D 65 10.67 -28.20 -41.74
CA GLU D 65 9.78 -29.27 -42.17
C GLU D 65 8.89 -28.70 -43.25
N VAL D 66 8.25 -27.58 -42.93
CA VAL D 66 7.36 -26.92 -43.88
C VAL D 66 8.07 -26.67 -45.19
N SER D 67 9.34 -26.28 -45.12
CA SER D 67 10.10 -26.01 -46.35
C SER D 67 10.28 -27.29 -47.17
N GLU D 68 10.47 -28.42 -46.50
CA GLU D 68 10.66 -29.68 -47.20
C GLU D 68 9.33 -30.22 -47.72
N GLU D 69 8.22 -29.75 -47.16
CA GLU D 69 6.92 -30.19 -47.63
C GLU D 69 6.45 -29.26 -48.75
N ASN D 70 7.07 -28.08 -48.85
CA ASN D 70 6.67 -27.08 -49.86
C ASN D 70 7.74 -26.75 -50.91
N HIS D 71 8.37 -27.79 -51.47
CA HIS D 71 9.38 -27.61 -52.51
C HIS D 71 10.39 -26.55 -52.09
N ASN D 72 10.93 -26.71 -50.89
CA ASN D 72 11.92 -25.81 -50.33
C ASN D 72 11.49 -24.36 -50.18
N HIS D 73 10.20 -24.13 -49.97
CA HIS D 73 9.67 -22.78 -49.77
C HIS D 73 8.82 -22.73 -48.49
N HIS D 74 9.34 -22.12 -47.44
CA HIS D 74 8.57 -22.05 -46.20
C HIS D 74 7.57 -20.90 -46.18
N ASN D 75 7.68 -20.03 -47.19
CA ASN D 75 6.75 -18.91 -47.38
C ASN D 75 6.49 -18.05 -46.13
N GLU D 76 7.55 -17.47 -45.59
CA GLU D 76 7.41 -16.63 -44.40
C GLU D 76 6.95 -15.21 -44.73
N ARG D 77 5.98 -14.74 -43.96
CA ARG D 77 5.43 -13.40 -44.13
C ARG D 77 5.33 -12.68 -42.79
N MET D 78 5.52 -11.38 -42.79
CA MET D 78 5.42 -10.61 -41.55
C MET D 78 3.97 -10.18 -41.41
N LEU D 79 3.31 -10.64 -40.36
CA LEU D 79 1.91 -10.31 -40.16
C LEU D 79 1.61 -9.75 -38.75
N PHE D 80 0.50 -9.06 -38.62
CA PHE D 80 0.10 -8.47 -37.34
C PHE D 80 -0.83 -9.39 -36.58
N HIS D 81 -0.85 -9.25 -35.27
CA HIS D 81 -1.70 -10.06 -34.41
C HIS D 81 -2.14 -9.31 -33.17
N GLY D 82 -3.44 -9.37 -32.89
CA GLY D 82 -3.98 -8.73 -31.72
C GLY D 82 -4.85 -9.72 -30.97
N SER D 83 -4.74 -9.72 -29.64
CA SER D 83 -5.52 -10.60 -28.77
C SER D 83 -5.19 -10.23 -27.33
N PRO D 84 -5.97 -10.72 -26.37
CA PRO D 84 -5.75 -10.43 -24.95
C PRO D 84 -4.63 -11.28 -24.33
N PHE D 85 -3.96 -12.08 -25.15
CA PHE D 85 -2.92 -12.97 -24.66
C PHE D 85 -1.53 -12.64 -25.16
N ILE D 86 -1.29 -11.36 -25.47
CA ILE D 86 0.01 -10.96 -25.97
C ILE D 86 1.11 -11.22 -24.95
N ASN D 87 0.95 -10.77 -23.71
CA ASN D 87 1.98 -10.99 -22.71
C ASN D 87 2.37 -12.45 -22.61
N ALA D 88 1.39 -13.34 -22.63
CA ALA D 88 1.67 -14.77 -22.56
C ALA D 88 2.40 -15.21 -23.82
N ILE D 89 1.98 -14.68 -24.97
CA ILE D 89 2.57 -15.04 -26.24
C ILE D 89 4.06 -14.72 -26.35
N ILE D 90 4.48 -13.57 -25.84
CA ILE D 90 5.89 -13.21 -25.91
C ILE D 90 6.76 -13.98 -24.92
N HIS D 91 6.11 -14.63 -23.96
CA HIS D 91 6.85 -15.40 -22.95
C HIS D 91 6.87 -16.89 -23.23
N LYS D 92 5.72 -17.45 -23.56
CA LYS D 92 5.65 -18.87 -23.84
C LYS D 92 5.59 -19.18 -25.33
N GLY D 93 5.32 -18.15 -26.13
CA GLY D 93 5.22 -18.34 -27.57
C GLY D 93 3.81 -18.78 -27.95
N PHE D 94 3.46 -18.63 -29.24
CA PHE D 94 2.15 -19.04 -29.72
C PHE D 94 1.90 -20.53 -29.44
N ASP D 95 0.68 -20.85 -29.00
CA ASP D 95 0.31 -22.22 -28.68
C ASP D 95 -1.10 -22.50 -29.16
N GLU D 96 -1.23 -23.40 -30.12
CA GLU D 96 -2.53 -23.75 -30.70
C GLU D 96 -3.50 -24.37 -29.70
N ARG D 97 -3.01 -24.76 -28.53
CA ARG D 97 -3.88 -25.33 -27.51
C ARG D 97 -4.74 -24.20 -26.95
N HIS D 98 -4.32 -22.97 -27.22
CA HIS D 98 -5.04 -21.77 -26.79
C HIS D 98 -5.57 -21.07 -28.04
N ALA D 99 -5.79 -21.85 -29.11
CA ALA D 99 -6.29 -21.30 -30.36
C ALA D 99 -7.70 -20.72 -30.18
N TYR D 100 -8.05 -19.75 -31.02
CA TYR D 100 -9.34 -19.10 -30.99
C TYR D 100 -10.39 -20.04 -31.60
N ILE D 101 -11.10 -20.75 -30.74
CA ILE D 101 -12.11 -21.72 -31.16
C ILE D 101 -13.30 -21.16 -31.96
N GLY D 102 -13.60 -19.87 -31.82
CA GLY D 102 -14.73 -19.30 -32.54
C GLY D 102 -14.33 -18.64 -33.84
N GLY D 103 -13.12 -18.92 -34.30
CA GLY D 103 -12.66 -18.31 -35.54
C GLY D 103 -13.45 -18.71 -36.77
N MET D 104 -13.31 -17.88 -37.79
CA MET D 104 -14.00 -18.09 -39.06
C MET D 104 -13.50 -19.37 -39.71
N PHE D 105 -12.20 -19.62 -39.60
CA PHE D 105 -11.62 -20.81 -40.19
C PHE D 105 -11.23 -21.87 -39.16
N GLY D 106 -11.97 -21.89 -38.05
CA GLY D 106 -11.72 -22.89 -37.03
C GLY D 106 -10.75 -22.53 -35.92
N ALA D 107 -10.38 -23.55 -35.16
CA ALA D 107 -9.46 -23.41 -34.05
C ALA D 107 -8.02 -23.15 -34.48
N GLY D 108 -7.76 -21.93 -34.94
CA GLY D 108 -6.41 -21.56 -35.37
C GLY D 108 -5.92 -20.31 -34.68
N ILE D 109 -4.81 -19.78 -35.17
CA ILE D 109 -4.21 -18.56 -34.64
C ILE D 109 -4.26 -17.58 -35.82
N TYR D 110 -4.95 -16.46 -35.62
CA TYR D 110 -5.16 -15.47 -36.69
C TYR D 110 -4.23 -14.27 -36.79
N PHE D 111 -3.88 -13.93 -38.02
CA PHE D 111 -3.02 -12.80 -38.33
C PHE D 111 -3.60 -11.99 -39.48
N ALA D 112 -3.12 -10.76 -39.64
CA ALA D 112 -3.56 -9.88 -40.71
C ALA D 112 -2.38 -9.14 -41.34
N GLU D 113 -2.50 -8.78 -42.61
CA GLU D 113 -1.48 -8.01 -43.29
C GLU D 113 -1.72 -6.52 -43.02
N ASN D 114 -2.93 -6.21 -42.55
CA ASN D 114 -3.30 -4.83 -42.24
C ASN D 114 -3.41 -4.63 -40.73
N SER D 115 -2.56 -3.75 -40.21
CA SER D 115 -2.53 -3.47 -38.77
C SER D 115 -3.89 -3.07 -38.19
N SER D 116 -4.71 -2.37 -38.97
CA SER D 116 -6.01 -1.94 -38.48
C SER D 116 -6.95 -3.12 -38.22
N LYS D 117 -6.75 -4.22 -38.92
CA LYS D 117 -7.58 -5.40 -38.72
C LYS D 117 -7.26 -6.01 -37.35
N SER D 118 -5.97 -6.17 -37.07
CA SER D 118 -5.54 -6.72 -35.79
C SER D 118 -5.80 -5.79 -34.62
N ASN D 119 -5.89 -4.48 -34.87
CA ASN D 119 -6.16 -3.51 -33.80
C ASN D 119 -7.56 -3.72 -33.26
N GLN D 120 -8.46 -4.16 -34.14
CA GLN D 120 -9.85 -4.43 -33.78
C GLN D 120 -9.99 -5.44 -32.66
N TYR D 121 -8.96 -6.26 -32.46
CA TYR D 121 -9.02 -7.31 -31.46
C TYR D 121 -8.15 -7.10 -30.24
N VAL D 122 -7.47 -5.97 -30.15
CA VAL D 122 -6.62 -5.71 -29.01
C VAL D 122 -7.42 -5.75 -27.70
N TYR D 123 -8.73 -6.02 -27.80
CA TYR D 123 -9.57 -6.12 -26.62
C TYR D 123 -10.49 -7.33 -26.69
N GLY D 130 -14.67 -3.04 -25.88
CA GLY D 130 -13.77 -1.89 -25.81
C GLY D 130 -12.97 -1.79 -24.53
N CYS D 131 -12.07 -0.81 -24.48
CA CYS D 131 -11.21 -0.58 -23.31
C CYS D 131 -11.89 -1.07 -22.04
N PRO D 132 -11.12 -1.71 -21.14
CA PRO D 132 -11.67 -2.23 -19.89
C PRO D 132 -12.08 -1.09 -18.98
N THR D 133 -11.39 0.03 -19.13
CA THR D 133 -11.66 1.20 -18.29
C THR D 133 -12.75 2.15 -18.80
N HIS D 134 -13.29 1.90 -20.00
CA HIS D 134 -14.34 2.78 -20.55
C HIS D 134 -15.30 2.08 -21.50
N LYS D 135 -15.20 0.76 -21.60
CA LYS D 135 -16.07 0.03 -22.51
C LYS D 135 -16.16 0.82 -23.80
N ASP D 136 -15.02 1.38 -24.20
CA ASP D 136 -15.00 2.18 -25.41
C ASP D 136 -14.03 1.65 -26.44
N ARG D 137 -14.60 1.34 -27.60
CA ARG D 137 -13.84 0.85 -28.73
C ARG D 137 -13.57 2.10 -29.54
N SER D 138 -12.73 2.96 -28.98
CA SER D 138 -12.34 4.24 -29.59
C SER D 138 -11.57 5.09 -28.58
N CYS D 139 -11.35 4.54 -27.39
CA CYS D 139 -10.60 5.28 -26.38
C CYS D 139 -9.33 5.72 -27.08
N TYR D 140 -9.06 7.02 -27.11
CA TYR D 140 -7.85 7.51 -27.78
C TYR D 140 -6.67 7.68 -26.84
N ILE D 141 -6.89 7.47 -25.54
CA ILE D 141 -5.81 7.60 -24.57
C ILE D 141 -5.25 6.24 -24.17
N CYS D 142 -6.15 5.27 -24.02
CA CYS D 142 -5.75 3.92 -23.64
C CYS D 142 -4.57 3.44 -24.47
N HIS D 143 -3.61 2.81 -23.82
CA HIS D 143 -2.45 2.29 -24.51
C HIS D 143 -2.78 0.93 -25.08
N ARG D 144 -2.48 0.75 -26.35
CA ARG D 144 -2.78 -0.49 -27.02
C ARG D 144 -1.50 -1.22 -27.35
N GLN D 145 -1.61 -2.53 -27.48
CA GLN D 145 -0.48 -3.38 -27.81
C GLN D 145 -0.86 -4.38 -28.90
N MET D 146 0.06 -4.65 -29.80
CA MET D 146 -0.18 -5.65 -30.84
C MET D 146 1.18 -6.20 -31.24
N LEU D 147 1.18 -7.30 -31.99
CA LEU D 147 2.41 -7.95 -32.41
C LEU D 147 2.57 -7.95 -33.93
N PHE D 148 3.82 -7.89 -34.37
CA PHE D 148 4.17 -7.96 -35.80
C PHE D 148 5.02 -9.21 -35.79
N CYS D 149 4.48 -10.29 -36.36
CA CYS D 149 5.15 -11.58 -36.33
C CYS D 149 5.68 -12.17 -37.62
N ARG D 150 6.61 -13.11 -37.47
CA ARG D 150 7.16 -13.83 -38.59
C ARG D 150 6.19 -14.99 -38.67
N VAL D 151 5.64 -15.25 -39.84
CA VAL D 151 4.68 -16.34 -39.97
C VAL D 151 5.04 -17.31 -41.08
N THR D 152 5.05 -18.60 -40.75
CA THR D 152 5.35 -19.62 -41.72
C THR D 152 4.07 -20.13 -42.36
N LEU D 153 3.81 -19.68 -43.57
CA LEU D 153 2.62 -20.06 -44.30
C LEU D 153 2.79 -21.33 -45.11
N GLY D 154 3.99 -21.59 -45.59
CA GLY D 154 4.22 -22.77 -46.40
C GLY D 154 3.20 -22.70 -47.53
N LYS D 155 2.60 -23.83 -47.87
CA LYS D 155 1.61 -23.82 -48.92
C LYS D 155 0.27 -23.42 -48.30
N SER D 156 -0.27 -22.28 -48.74
CA SER D 156 -1.54 -21.77 -48.22
C SER D 156 -2.78 -22.26 -48.95
N PHE D 157 -3.87 -22.41 -48.20
CA PHE D 157 -5.14 -22.83 -48.75
C PHE D 157 -6.04 -21.60 -48.74
N LEU D 158 -6.41 -21.13 -49.94
CA LEU D 158 -7.25 -19.96 -50.09
C LEU D 158 -8.73 -20.29 -49.91
N GLN D 159 -9.40 -19.48 -49.11
CA GLN D 159 -10.83 -19.65 -48.86
C GLN D 159 -11.42 -18.26 -48.92
N PHE D 160 -12.71 -18.18 -49.20
CA PHE D 160 -13.38 -16.88 -49.28
C PHE D 160 -14.58 -16.89 -48.35
N SER D 161 -14.94 -18.08 -47.88
CA SER D 161 -16.09 -18.23 -46.99
C SER D 161 -15.79 -19.14 -45.80
N THR D 162 -16.56 -18.95 -44.75
CA THR D 162 -16.38 -19.70 -43.51
C THR D 162 -16.33 -21.20 -43.64
N MET D 163 -15.31 -21.77 -43.01
CA MET D 163 -15.11 -23.21 -43.04
C MET D 163 -14.34 -23.51 -41.76
N LYS D 164 -15.03 -24.01 -40.73
CA LYS D 164 -14.35 -24.31 -39.49
C LYS D 164 -13.45 -25.52 -39.68
N MET D 165 -12.21 -25.37 -39.25
CA MET D 165 -11.18 -26.38 -39.43
C MET D 165 -10.34 -26.50 -38.15
N ALA D 166 -9.90 -27.72 -37.85
CA ALA D 166 -9.09 -27.97 -36.66
C ALA D 166 -7.60 -28.00 -36.99
N HIS D 167 -7.31 -28.27 -38.27
CA HIS D 167 -5.93 -28.36 -38.75
C HIS D 167 -5.92 -27.87 -40.19
N ALA D 168 -4.74 -27.60 -40.73
CA ALA D 168 -4.68 -27.12 -42.11
C ALA D 168 -5.06 -28.26 -43.05
N PRO D 169 -5.67 -27.94 -44.20
CA PRO D 169 -6.07 -28.98 -45.16
C PRO D 169 -4.88 -29.86 -45.53
N PRO D 170 -5.13 -31.14 -45.87
CA PRO D 170 -4.04 -32.03 -46.23
C PRO D 170 -3.11 -31.34 -47.22
N GLY D 171 -1.82 -31.59 -47.11
CA GLY D 171 -0.87 -30.99 -48.03
C GLY D 171 -0.61 -29.50 -47.96
N HIS D 172 -1.25 -28.81 -47.02
CA HIS D 172 -1.06 -27.37 -46.84
C HIS D 172 -0.56 -27.07 -45.43
N HIS D 173 -0.26 -25.79 -45.17
CA HIS D 173 0.23 -25.40 -43.86
C HIS D 173 -0.42 -24.14 -43.32
N SER D 174 -1.35 -23.59 -44.07
CA SER D 174 -2.02 -22.38 -43.65
C SER D 174 -3.27 -22.12 -44.48
N VAL D 175 -4.18 -21.32 -43.91
CA VAL D 175 -5.42 -20.96 -44.57
C VAL D 175 -5.47 -19.44 -44.75
N ILE D 176 -5.94 -19.01 -45.92
CA ILE D 176 -6.06 -17.59 -46.22
C ILE D 176 -7.49 -17.23 -46.61
N GLY D 177 -8.12 -16.39 -45.80
CA GLY D 177 -9.47 -15.93 -46.12
C GLY D 177 -9.29 -14.64 -46.89
N ARG D 178 -9.54 -14.66 -48.20
CA ARG D 178 -9.35 -13.47 -49.03
C ARG D 178 -10.56 -12.54 -49.03
N PRO D 179 -10.31 -11.23 -49.19
CA PRO D 179 -11.37 -10.21 -49.22
C PRO D 179 -12.24 -10.39 -50.47
N SER D 180 -13.51 -10.07 -50.36
CA SER D 180 -14.43 -10.15 -51.50
C SER D 180 -15.24 -8.87 -51.37
N VAL D 181 -16.24 -8.68 -52.21
CA VAL D 181 -17.04 -7.47 -52.09
C VAL D 181 -18.27 -7.77 -51.24
N ASN D 182 -18.72 -9.02 -51.26
CA ASN D 182 -19.87 -9.42 -50.46
C ASN D 182 -19.37 -10.39 -49.40
N GLY D 183 -18.05 -10.43 -49.23
CA GLY D 183 -17.44 -11.28 -48.23
C GLY D 183 -16.54 -10.46 -47.34
N LEU D 184 -15.35 -10.99 -47.05
CA LEU D 184 -14.37 -10.34 -46.17
C LEU D 184 -13.84 -8.97 -46.58
N ALA D 185 -13.71 -8.07 -45.61
CA ALA D 185 -13.17 -6.75 -45.88
C ALA D 185 -11.65 -6.84 -45.93
N TYR D 186 -11.11 -7.70 -45.06
CA TYR D 186 -9.67 -7.90 -44.96
C TYR D 186 -9.20 -9.30 -45.28
N ALA D 187 -7.95 -9.39 -45.68
CA ALA D 187 -7.30 -10.66 -45.99
C ALA D 187 -6.78 -11.12 -44.63
N GLU D 188 -7.05 -12.37 -44.27
CA GLU D 188 -6.60 -12.91 -42.99
C GLU D 188 -5.85 -14.24 -43.15
N TYR D 189 -4.84 -14.47 -42.32
CA TYR D 189 -4.05 -15.71 -42.42
C TYR D 189 -4.17 -16.55 -41.16
N VAL D 190 -4.33 -17.84 -41.35
CA VAL D 190 -4.49 -18.73 -40.23
C VAL D 190 -3.51 -19.89 -40.25
N ILE D 191 -2.96 -20.21 -39.08
CA ILE D 191 -2.06 -21.33 -38.93
C ILE D 191 -2.67 -22.12 -37.79
N TYR D 192 -2.37 -23.40 -37.70
CA TYR D 192 -2.95 -24.21 -36.65
C TYR D 192 -1.85 -24.84 -35.80
N ARG D 193 -0.70 -24.18 -35.79
CA ARG D 193 0.47 -24.63 -35.04
C ARG D 193 1.31 -23.43 -34.57
N GLY D 194 1.36 -23.23 -33.26
CA GLY D 194 2.12 -22.14 -32.69
C GLY D 194 3.54 -22.04 -33.22
N GLU D 195 4.16 -23.19 -33.45
CA GLU D 195 5.52 -23.24 -33.94
C GLU D 195 5.68 -22.59 -35.31
N GLN D 196 4.58 -22.22 -35.94
CA GLN D 196 4.66 -21.59 -37.25
C GLN D 196 4.63 -20.07 -37.22
N ALA D 197 4.78 -19.50 -36.03
CA ALA D 197 4.80 -18.05 -35.89
C ALA D 197 5.70 -17.63 -34.75
N TYR D 198 6.43 -16.53 -34.95
CA TYR D 198 7.33 -16.00 -33.94
C TYR D 198 6.95 -14.54 -33.73
N PRO D 199 6.70 -14.14 -32.46
CA PRO D 199 6.32 -12.79 -32.07
C PRO D 199 7.53 -11.84 -32.04
N GLU D 200 8.06 -11.53 -33.21
CA GLU D 200 9.23 -10.67 -33.35
C GLU D 200 9.14 -9.31 -32.71
N TYR D 201 8.02 -8.63 -32.91
CA TYR D 201 7.87 -7.29 -32.39
C TYR D 201 6.67 -7.05 -31.52
N LEU D 202 6.90 -6.29 -30.45
CA LEU D 202 5.84 -5.92 -29.53
C LEU D 202 5.67 -4.42 -29.69
N ILE D 203 4.53 -4.02 -30.22
CA ILE D 203 4.24 -2.61 -30.46
C ILE D 203 3.22 -2.02 -29.48
N THR D 204 3.62 -0.99 -28.73
CA THR D 204 2.71 -0.32 -27.80
C THR D 204 2.35 1.02 -28.47
N TYR D 205 1.07 1.35 -28.48
CA TYR D 205 0.61 2.57 -29.14
C TYR D 205 -0.77 3.04 -28.70
N GLN D 206 -1.31 3.98 -29.47
CA GLN D 206 -2.65 4.56 -29.26
C GLN D 206 -3.20 4.90 -30.65
N ILE D 207 -4.52 4.91 -30.82
CA ILE D 207 -5.09 5.30 -32.11
C ILE D 207 -5.34 6.78 -31.99
N MET D 208 -4.86 7.56 -32.95
CA MET D 208 -5.02 9.00 -32.91
C MET D 208 -6.27 9.57 -33.54
N LYS D 209 -6.87 10.54 -32.88
CA LYS D 209 -8.08 11.18 -33.36
C LYS D 209 -7.82 11.77 -34.73
N PRO D 210 -8.74 11.53 -35.69
CA PRO D 210 -8.53 12.08 -37.02
C PRO D 210 -8.58 13.61 -37.01
ZN ZN E . 7.22 -10.97 13.12
N1 2C8 F . 4.39 -30.52 15.13
C1 2C8 F . 4.16 -30.81 16.46
O1 2C8 F . 3.31 -30.14 17.10
C2 2C8 F . 4.95 -31.76 17.19
C3 2C8 F . 4.76 -32.20 18.59
C4 2C8 F . 5.70 -33.18 19.17
C5 2C8 F . 6.80 -33.73 18.37
C6 2C8 F . 6.97 -33.29 17.00
C7 2C8 F . 6.05 -32.34 16.41
N2 2C8 F . 6.21 -31.97 15.09
C8 2C8 F . 5.42 -31.10 14.44
C9 2C8 F . 5.78 -30.75 13.03
C10 2C8 F . 5.67 -31.98 12.19
C11 2C8 F . 4.28 -32.25 11.84
O2 2C8 F . 3.62 -33.00 12.54
N3 2C8 F . 3.91 -31.56 10.73
C12 2C8 F . 2.76 -31.63 9.99
C13 2C8 F . 2.62 -30.73 8.85
C14 2C8 F . 1.38 -30.75 8.10
C15 2C8 F . 1.69 -32.54 10.35
C16 2C8 F . 0.47 -32.57 9.61
C18 2C8 F . -1.00 -31.66 7.74
C17 2C8 F . 0.31 -31.66 8.49
N4 2C8 F . -2.14 -32.38 7.95
N5 2C8 F . -3.06 -32.05 6.99
C19 2C8 F . -2.46 -31.12 6.18
C20 2C8 F . -3.02 -30.44 4.95
O3 2C8 F . -1.20 -30.89 6.65
C21 2C8 F . -4.41 -30.64 4.54
C22 2C8 F . -4.93 -29.99 3.33
C23 2C8 F . -4.09 -29.11 2.51
C24 2C8 F . -2.71 -28.91 2.93
C25 2C8 F . -2.17 -29.55 4.12
ZN ZN G . 7.84 -2.69 25.75
N1 2C8 H . 5.53 17.01 23.96
C1 2C8 H . 5.15 17.26 22.65
O1 2C8 H . 4.14 16.74 22.17
C2 2C8 H . 5.95 18.14 21.85
C3 2C8 H . 5.69 18.50 20.47
C4 2C8 H . 6.61 19.40 19.77
C5 2C8 H . 7.80 19.95 20.45
C6 2C8 H . 8.08 19.60 21.84
C7 2C8 H . 7.17 18.70 22.54
N2 2C8 H . 7.42 18.36 23.84
C8 2C8 H . 6.65 17.53 24.57
C9 2C8 H . 7.05 17.19 25.96
C10 2C8 H . 7.08 18.40 26.85
C11 2C8 H . 5.73 18.76 27.31
O2 2C8 H . 4.98 19.41 26.60
N3 2C8 H . 5.50 18.26 28.59
C12 2C8 H . 4.35 18.33 29.32
C13 2C8 H . 4.22 17.48 30.50
C14 2C8 H . 3.01 17.52 31.28
C15 2C8 H . 3.27 19.21 28.91
C16 2C8 H . 2.04 19.26 29.67
C18 2C8 H . 0.62 18.49 31.68
C17 2C8 H . 1.91 18.42 30.87
N4 2C8 H . -0.42 19.34 31.59
N5 2C8 H . -1.30 19.06 32.62
C19 2C8 H . -0.77 18.00 33.33
C20 2C8 H . -1.24 17.31 34.58
O3 2C8 H . 0.40 17.68 32.74
C21 2C8 H . -2.59 17.54 35.13
C22 2C8 H . -3.04 16.87 36.35
C23 2C8 H . -2.14 15.94 37.05
C24 2C8 H . -0.79 15.69 36.51
C25 2C8 H . -0.35 16.36 35.30
ZN ZN I . -9.05 10.69 -18.26
N1 2C8 J . -5.21 25.73 -7.29
C1 2C8 J . -4.73 25.31 -6.09
O1 2C8 J . -3.74 24.59 -6.04
C2 2C8 J . -5.41 25.65 -4.83
C3 2C8 J . -5.00 25.26 -3.48
C4 2C8 J . -5.79 25.66 -2.31
C5 2C8 J . -7.01 26.48 -2.47
C6 2C8 J . -7.44 26.90 -3.81
C7 2C8 J . -6.66 26.49 -5.00
N2 2C8 J . -7.02 26.85 -6.27
C8 2C8 J . -6.36 26.51 -7.41
C9 2C8 J . -6.94 26.99 -8.73
C10 2C8 J . -7.21 28.49 -8.75
C11 2C8 J . -5.97 29.27 -8.97
O2 2C8 J . -5.26 29.61 -8.04
N3 2C8 J . -5.76 29.47 -10.29
C12 2C8 J . -4.67 30.00 -10.90
C13 2C8 J . -4.70 30.05 -12.34
C14 2C8 J . -3.60 30.62 -13.07
C15 2C8 J . -3.54 30.52 -10.14
C16 2C8 J . -2.43 31.10 -10.86
C18 2C8 J . -1.30 31.78 -13.07
C17 2C8 J . -2.46 31.15 -12.33
N4 2C8 J . -0.18 32.39 -12.60
N5 2C8 J . 0.58 32.77 -13.68
C19 2C8 J . -0.10 32.39 -14.79
C20 2C8 J . 0.22 32.60 -16.25
O3 2C8 J . -1.25 31.78 -14.42
C21 2C8 J . 1.52 33.14 -16.68
C22 2C8 J . 1.79 33.40 -18.08
C23 2C8 J . 0.76 33.13 -19.08
C24 2C8 J . -0.54 32.59 -18.68
C25 2C8 J . -0.80 32.33 -17.29
ZN ZN K . -10.95 3.96 -22.71
N1 2C8 L . -6.68 -11.31 -33.98
C1 2C8 L . -6.17 -10.89 -35.18
O1 2C8 L . -5.12 -10.24 -35.16
C2 2C8 L . -6.86 -11.15 -36.46
C3 2C8 L . -6.43 -10.78 -37.81
C4 2C8 L . -7.25 -11.12 -38.99
C5 2C8 L . -8.54 -11.87 -38.82
C6 2C8 L . -8.97 -12.25 -37.48
C7 2C8 L . -8.15 -11.91 -36.30
N2 2C8 L . -8.56 -12.28 -35.02
C8 2C8 L . -7.87 -12.02 -33.88
C9 2C8 L . -8.39 -12.53 -32.58
C10 2C8 L . -8.60 -14.04 -32.64
C11 2C8 L . -7.34 -14.80 -32.38
O2 2C8 L . -6.49 -14.93 -33.25
N3 2C8 L . -7.29 -15.25 -31.12
C12 2C8 L . -6.20 -15.78 -30.49
C13 2C8 L . -6.07 -15.63 -29.05
C14 2C8 L . -4.94 -16.25 -28.39
C15 2C8 L . -5.21 -16.55 -31.28
C16 2C8 L . -4.09 -17.16 -30.61
C18 2C8 L . -2.79 -17.71 -28.45
C17 2C8 L . -3.95 -17.03 -29.16
N4 2C8 L . -1.74 -18.38 -28.97
N5 2C8 L . -0.93 -18.78 -27.92
C19 2C8 L . -1.52 -18.36 -26.76
C20 2C8 L . -1.08 -18.58 -25.35
O3 2C8 L . -2.65 -17.71 -27.09
C21 2C8 L . 0.23 -19.18 -25.02
C22 2C8 L . 0.59 -19.48 -23.63
C23 2C8 L . -0.37 -19.20 -22.55
C24 2C8 L . -1.67 -18.61 -22.87
C25 2C8 L . -2.01 -18.30 -24.23
#